data_2KN1
#
_entry.id   2KN1
#
_entity_poly.entity_id   1
_entity_poly.type   'polypeptide(L)'
_entity_poly.pdbx_seq_one_letter_code
;LQMAGQCSQNEYFDSLLHACIPCQLRCSSNTPPLTCQRYCNASVTNSVK(CY1)(NH2)
;
_entity_poly.pdbx_strand_id   A
#
loop_
_chem_comp.id
_chem_comp.type
_chem_comp.name
_chem_comp.formula
NH2 non-polymer 'AMINO GROUP' 'H2 N'
#
# COMPACT_ATOMS: atom_id res chain seq x y z
N LEU A 1 -7.56 -11.84 15.16
CA LEU A 1 -8.21 -10.66 14.54
C LEU A 1 -7.81 -9.38 15.26
N GLN A 2 -6.69 -8.80 14.87
CA GLN A 2 -6.20 -7.56 15.48
C GLN A 2 -6.22 -6.41 14.48
N MET A 3 -6.82 -5.30 14.88
CA MET A 3 -6.92 -4.12 14.01
C MET A 3 -7.96 -4.28 12.92
N ALA A 4 -8.59 -5.44 12.87
CA ALA A 4 -9.61 -5.72 11.87
C ALA A 4 -10.83 -4.82 12.06
N GLY A 5 -10.67 -3.55 11.70
CA GLY A 5 -11.75 -2.59 11.84
C GLY A 5 -11.26 -1.20 12.19
N GLN A 6 -10.14 -0.80 11.57
CA GLN A 6 -9.56 0.52 11.80
C GLN A 6 -8.17 0.58 11.19
N CYS A 7 -8.13 0.64 9.86
CA CYS A 7 -6.88 0.71 9.13
C CYS A 7 -6.72 2.07 8.45
N SER A 8 -5.49 2.56 8.39
CA SER A 8 -5.21 3.82 7.75
C SER A 8 -5.68 3.77 6.30
N GLN A 9 -5.95 4.92 5.74
CA GLN A 9 -6.43 4.98 4.37
C GLN A 9 -5.50 4.25 3.41
N ASN A 10 -6.08 3.31 2.69
CA ASN A 10 -5.34 2.51 1.73
C ASN A 10 -4.28 1.67 2.42
N GLU A 11 -4.56 1.29 3.66
CA GLU A 11 -3.62 0.46 4.41
C GLU A 11 -3.89 -1.00 4.14
N TYR A 12 -2.84 -1.82 4.08
CA TYR A 12 -3.02 -3.24 3.81
C TYR A 12 -2.55 -4.10 4.97
N PHE A 13 -3.47 -4.90 5.49
CA PHE A 13 -3.20 -5.80 6.61
C PHE A 13 -2.47 -7.04 6.14
N ASP A 14 -1.13 -6.99 6.18
CA ASP A 14 -0.33 -8.14 5.77
C ASP A 14 -0.55 -9.29 6.72
N SER A 15 -1.38 -10.24 6.31
CA SER A 15 -1.68 -11.41 7.13
C SER A 15 -0.39 -12.04 7.67
N LEU A 16 0.71 -11.81 6.97
CA LEU A 16 2.00 -12.34 7.38
C LEU A 16 2.64 -11.46 8.45
N LEU A 17 2.27 -10.17 8.43
CA LEU A 17 2.80 -9.21 9.38
C LEU A 17 1.80 -8.92 10.50
N HIS A 18 0.52 -9.14 10.23
CA HIS A 18 -0.52 -8.87 11.21
C HIS A 18 -0.54 -7.38 11.55
N ALA A 19 -0.58 -6.57 10.50
CA ALA A 19 -0.58 -5.13 10.65
C ALA A 19 -0.91 -4.46 9.34
N CYS A 20 -1.84 -3.55 9.39
CA CYS A 20 -2.19 -2.80 8.22
C CYS A 20 -1.04 -1.86 7.87
N ILE A 21 -0.37 -2.18 6.78
CA ILE A 21 0.77 -1.42 6.31
C ILE A 21 0.36 -0.52 5.16
N PRO A 22 0.96 0.67 5.05
CA PRO A 22 0.62 1.60 3.97
C PRO A 22 1.31 1.23 2.65
N CYS A 23 0.63 1.51 1.54
CA CYS A 23 1.16 1.21 0.21
C CYS A 23 2.56 1.79 0.01
N GLN A 24 2.75 3.02 0.49
CA GLN A 24 4.05 3.71 0.36
C GLN A 24 5.22 2.77 0.57
N LEU A 25 5.16 1.99 1.63
CA LEU A 25 6.22 1.04 1.97
C LEU A 25 6.54 0.11 0.80
N ARG A 26 5.60 -0.07 -0.11
CA ARG A 26 5.80 -0.95 -1.26
C ARG A 26 5.65 -0.21 -2.58
N CYS A 27 5.34 1.07 -2.50
CA CYS A 27 5.16 1.89 -3.69
C CYS A 27 6.50 2.33 -4.27
N SER A 28 7.37 2.83 -3.41
CA SER A 28 8.67 3.32 -3.84
C SER A 28 9.66 2.20 -4.13
N SER A 29 9.21 0.96 -4.03
CA SER A 29 10.07 -0.18 -4.30
C SER A 29 9.31 -1.49 -4.27
N ASN A 30 9.80 -2.44 -5.05
CA ASN A 30 9.20 -3.77 -5.16
C ASN A 30 7.93 -3.75 -6.01
N THR A 31 7.42 -2.54 -6.26
CA THR A 31 6.21 -2.33 -7.05
C THR A 31 5.21 -3.48 -6.97
N PRO A 32 4.81 -3.90 -5.75
CA PRO A 32 3.87 -4.99 -5.54
C PRO A 32 2.49 -4.51 -5.05
N PRO A 33 2.04 -3.28 -5.39
CA PRO A 33 0.75 -2.76 -4.93
C PRO A 33 -0.40 -3.20 -5.81
N LEU A 34 -0.92 -4.39 -5.56
CA LEU A 34 -2.05 -4.88 -6.34
C LEU A 34 -3.32 -4.11 -5.96
N THR A 35 -3.60 -4.02 -4.67
CA THR A 35 -4.76 -3.26 -4.20
C THR A 35 -4.36 -1.80 -3.99
N CYS A 36 -3.10 -1.47 -4.31
CA CYS A 36 -2.61 -0.11 -4.15
C CYS A 36 -2.11 0.48 -5.47
N GLN A 37 -2.10 -0.35 -6.52
CA GLN A 37 -1.64 0.10 -7.83
C GLN A 37 -2.24 1.46 -8.21
N ARG A 38 -3.43 1.71 -7.71
CA ARG A 38 -4.13 2.96 -7.97
C ARG A 38 -3.58 4.05 -7.06
N TYR A 39 -3.27 3.67 -5.82
CA TYR A 39 -2.76 4.61 -4.84
C TYR A 39 -1.29 4.92 -5.06
N CYS A 40 -0.52 3.89 -5.42
CA CYS A 40 0.91 4.09 -5.66
C CYS A 40 1.12 5.11 -6.76
N ASN A 41 0.33 5.00 -7.83
CA ASN A 41 0.43 5.94 -8.93
C ASN A 41 -0.12 7.30 -8.53
N ALA A 42 -0.84 7.32 -7.41
CA ALA A 42 -1.40 8.56 -6.90
C ALA A 42 -0.77 8.90 -5.56
N SER A 43 0.44 8.42 -5.36
CA SER A 43 1.19 8.66 -4.14
C SER A 43 2.63 9.07 -4.44
N VAL A 44 3.13 8.67 -5.61
CA VAL A 44 4.50 9.01 -5.99
C VAL A 44 4.56 9.39 -7.47
N THR A 45 3.74 10.38 -7.84
CA THR A 45 3.66 10.87 -9.20
C THR A 45 4.97 10.73 -9.96
N ASN A 46 4.87 10.47 -11.27
CA ASN A 46 6.05 10.32 -12.11
C ASN A 46 5.66 10.26 -13.59
N SER A 47 6.66 10.26 -14.45
CA SER A 47 6.44 10.22 -15.90
C SER A 47 5.78 11.51 -16.39
N VAL A 48 6.12 11.91 -17.62
CA VAL A 48 5.61 13.12 -18.22
C VAL A 48 5.77 14.32 -17.31
N LYS A 49 6.87 15.00 -17.52
CA LYS A 49 7.21 16.19 -16.74
C LYS A 49 7.45 15.84 -15.27
N CY1 A 50 8.18 16.71 -14.58
CA CY1 A 50 8.48 16.50 -13.17
CB CY1 A 50 9.80 15.73 -13.01
SG CY1 A 50 9.54 14.00 -12.57
CD CY1 A 50 9.02 14.13 -10.84
NE CY1 A 50 10.15 14.49 -9.99
CZ CY1 A 50 11.30 13.84 -9.96
OAC CY1 A 50 11.54 12.85 -10.64
CM CY1 A 50 12.35 14.39 -9.01
C CY1 A 50 8.56 17.83 -12.42
O CY1 A 50 9.59 18.50 -12.46
H CY1 A 50 8.52 17.52 -15.02
HA CY1 A 50 7.68 15.91 -12.74
HB2 CY1 A 50 10.33 15.77 -13.95
HB3 CY1 A 50 10.40 16.20 -12.25
HD2 CY1 A 50 8.42 15.00 -11.06
HD3 CY1 A 50 8.52 13.25 -10.45
HE CY1 A 50 9.98 15.11 -9.25
HM1 CY1 A 50 13.29 14.53 -9.55
HM2 CY1 A 50 12.47 13.69 -8.18
HM3 CY1 A 50 12.03 15.33 -8.61
N NH2 A 51 7.49 18.22 -11.76
HN1 NH2 A 51 6.69 17.65 -11.78
HN2 NH2 A 51 7.52 19.08 -11.28
N LEU A 1 -10.39 -11.57 5.24
CA LEU A 1 -10.96 -10.25 4.89
C LEU A 1 -9.86 -9.22 4.66
N GLN A 2 -9.13 -8.89 5.73
CA GLN A 2 -8.06 -7.92 5.64
C GLN A 2 -8.58 -6.54 5.25
N MET A 3 -8.04 -5.51 5.89
CA MET A 3 -8.45 -4.13 5.63
C MET A 3 -9.76 -3.78 6.32
N ALA A 4 -10.41 -4.79 6.90
CA ALA A 4 -11.67 -4.59 7.59
C ALA A 4 -11.54 -4.95 9.07
N GLY A 5 -10.99 -4.01 9.85
CA GLY A 5 -10.81 -4.25 11.27
C GLY A 5 -10.33 -3.02 12.01
N GLN A 6 -9.26 -2.40 11.52
CA GLN A 6 -8.72 -1.20 12.14
C GLN A 6 -7.32 -0.90 11.61
N CYS A 7 -7.26 -0.43 10.38
CA CYS A 7 -5.99 -0.08 9.75
C CYS A 7 -5.81 1.42 9.71
N SER A 8 -4.58 1.87 9.98
CA SER A 8 -4.28 3.29 9.95
C SER A 8 -4.50 3.82 8.55
N GLN A 9 -4.63 5.12 8.44
CA GLN A 9 -4.87 5.75 7.14
C GLN A 9 -3.90 5.23 6.10
N ASN A 10 -4.42 5.01 4.90
CA ASN A 10 -3.64 4.50 3.78
C ASN A 10 -2.75 3.34 4.19
N GLU A 11 -3.22 2.55 5.15
CA GLU A 11 -2.45 1.39 5.59
C GLU A 11 -3.00 0.13 4.96
N TYR A 12 -2.11 -0.81 4.64
CA TYR A 12 -2.55 -2.05 4.00
C TYR A 12 -2.31 -3.25 4.90
N PHE A 13 -3.41 -3.95 5.20
CA PHE A 13 -3.40 -5.13 6.05
C PHE A 13 -2.84 -6.34 5.31
N ASP A 14 -1.54 -6.57 5.41
CA ASP A 14 -0.92 -7.71 4.75
C ASP A 14 -1.34 -9.00 5.42
N SER A 15 -2.28 -9.71 4.80
CA SER A 15 -2.77 -10.97 5.34
C SER A 15 -1.61 -11.90 5.66
N LEU A 16 -0.48 -11.69 4.99
CA LEU A 16 0.70 -12.50 5.22
C LEU A 16 1.47 -12.01 6.44
N LEU A 17 1.33 -10.71 6.74
CA LEU A 17 2.01 -10.10 7.87
C LEU A 17 1.07 -9.96 9.07
N HIS A 18 -0.23 -9.97 8.83
CA HIS A 18 -1.21 -9.82 9.90
C HIS A 18 -1.00 -8.47 10.58
N ALA A 19 -0.90 -7.44 9.76
CA ALA A 19 -0.70 -6.10 10.21
C ALA A 19 -0.97 -5.12 9.10
N CYS A 20 -1.41 -3.96 9.49
CA CYS A 20 -1.67 -2.89 8.56
C CYS A 20 -0.37 -2.11 8.31
N ILE A 21 0.17 -2.27 7.11
CA ILE A 21 1.41 -1.62 6.73
C ILE A 21 1.16 -0.46 5.78
N PRO A 22 1.94 0.63 5.90
CA PRO A 22 1.78 1.78 5.02
C PRO A 22 2.00 1.41 3.56
N CYS A 23 1.61 2.30 2.64
CA CYS A 23 1.77 2.05 1.21
C CYS A 23 2.65 3.11 0.55
N GLN A 24 2.75 4.28 1.18
CA GLN A 24 3.58 5.36 0.65
C GLN A 24 5.05 5.01 0.75
N LEU A 25 5.43 4.52 1.91
CA LEU A 25 6.82 4.13 2.17
C LEU A 25 7.19 2.86 1.41
N ARG A 26 6.21 2.21 0.80
CA ARG A 26 6.47 0.98 0.06
C ARG A 26 6.15 1.13 -1.42
N CYS A 27 5.64 2.29 -1.79
CA CYS A 27 5.30 2.58 -3.17
C CYS A 27 6.55 2.79 -4.02
N SER A 28 7.63 3.23 -3.36
CA SER A 28 8.87 3.49 -4.04
C SER A 28 9.70 2.22 -4.22
N SER A 29 9.07 1.06 -4.07
CA SER A 29 9.76 -0.21 -4.22
C SER A 29 8.84 -1.23 -4.86
N ASN A 30 9.35 -2.43 -5.00
CA ASN A 30 8.61 -3.52 -5.61
C ASN A 30 7.30 -3.74 -4.86
N THR A 31 7.40 -3.88 -3.54
CA THR A 31 6.25 -4.09 -2.66
C THR A 31 4.97 -4.42 -3.45
N PRO A 32 4.91 -5.59 -4.11
CA PRO A 32 3.76 -6.02 -4.90
C PRO A 32 2.43 -5.53 -4.31
N PRO A 33 1.95 -4.36 -4.77
CA PRO A 33 0.72 -3.76 -4.31
C PRO A 33 -0.47 -4.11 -5.16
N LEU A 34 -1.04 -5.28 -4.94
CA LEU A 34 -2.21 -5.70 -5.70
C LEU A 34 -3.41 -4.81 -5.36
N THR A 35 -3.67 -4.61 -4.07
CA THR A 35 -4.76 -3.74 -3.66
C THR A 35 -4.25 -2.31 -3.49
N CYS A 36 -2.97 -2.08 -3.85
CA CYS A 36 -2.39 -0.75 -3.73
C CYS A 36 -1.93 -0.20 -5.07
N GLN A 37 -1.84 -1.06 -6.09
CA GLN A 37 -1.41 -0.65 -7.43
C GLN A 37 -2.01 0.69 -7.82
N ARG A 38 -3.33 0.77 -7.71
CA ARG A 38 -4.05 1.99 -8.04
C ARG A 38 -3.57 3.16 -7.19
N TYR A 39 -3.24 2.88 -5.92
CA TYR A 39 -2.79 3.92 -5.01
C TYR A 39 -1.33 4.28 -5.23
N CYS A 40 -0.48 3.28 -5.37
CA CYS A 40 0.94 3.53 -5.59
C CYS A 40 1.14 4.31 -6.88
N ASN A 41 0.39 3.94 -7.91
CA ASN A 41 0.49 4.64 -9.18
C ASN A 41 -0.15 6.01 -9.07
N ALA A 42 -0.96 6.19 -8.05
CA ALA A 42 -1.62 7.47 -7.79
C ALA A 42 -1.06 8.11 -6.54
N SER A 43 0.19 7.78 -6.24
CA SER A 43 0.88 8.30 -5.07
C SER A 43 2.26 8.83 -5.44
N VAL A 44 2.83 8.34 -6.54
CA VAL A 44 4.14 8.77 -6.97
C VAL A 44 4.23 8.88 -8.49
N THR A 45 3.33 9.65 -9.07
CA THR A 45 3.31 9.85 -10.52
C THR A 45 3.28 8.53 -11.27
N ASN A 46 3.08 8.60 -12.59
CA ASN A 46 3.03 7.40 -13.41
C ASN A 46 3.89 7.58 -14.66
N SER A 47 4.29 6.48 -15.26
CA SER A 47 5.11 6.50 -16.47
C SER A 47 6.46 7.17 -16.19
N VAL A 48 7.50 6.72 -16.90
CA VAL A 48 8.85 7.26 -16.75
C VAL A 48 9.85 6.36 -17.45
N LYS A 49 10.24 6.79 -18.63
CA LYS A 49 11.20 6.05 -19.44
C LYS A 49 10.73 4.62 -19.69
N CY1 A 50 10.04 4.42 -20.81
CA CY1 A 50 9.53 3.11 -21.17
CB CY1 A 50 8.26 2.79 -20.38
SG CY1 A 50 7.77 1.06 -20.53
CD CY1 A 50 7.89 0.49 -18.82
NE CY1 A 50 7.97 -0.97 -18.79
CZ CY1 A 50 7.62 -1.71 -17.74
OAC CY1 A 50 7.19 -1.25 -16.69
CM CY1 A 50 7.77 -3.21 -17.92
C CY1 A 50 9.24 3.03 -22.67
O CY1 A 50 8.11 3.20 -23.10
H CY1 A 50 9.88 5.18 -21.42
HA CY1 A 50 10.29 2.38 -20.93
HB2 CY1 A 50 8.43 3.02 -19.34
HB3 CY1 A 50 7.45 3.41 -20.76
HD2 CY1 A 50 8.87 0.92 -18.63
HD3 CY1 A 50 6.94 0.81 -18.43
HE CY1 A 50 8.23 -1.43 -19.61
HM1 CY1 A 50 8.64 -3.54 -17.35
HM2 CY1 A 50 7.90 -3.44 -18.97
HM3 CY1 A 50 6.91 -3.71 -17.55
N NH2 A 51 10.27 2.75 -23.48
HN1 NH2 A 51 11.16 2.63 -23.07
HN2 NH2 A 51 10.10 2.71 -24.44
N LEU A 1 -13.78 -9.09 8.18
CA LEU A 1 -12.42 -8.49 8.19
C LEU A 1 -11.88 -8.39 9.62
N GLN A 2 -10.76 -7.68 9.78
CA GLN A 2 -10.14 -7.51 11.09
C GLN A 2 -9.15 -6.36 11.08
N MET A 3 -9.20 -5.52 12.11
CA MET A 3 -8.31 -4.37 12.23
C MET A 3 -8.74 -3.21 11.33
N ALA A 4 -9.76 -3.45 10.52
CA ALA A 4 -10.27 -2.42 9.62
C ALA A 4 -11.00 -1.34 10.40
N GLY A 5 -10.28 -0.64 11.28
CA GLY A 5 -10.89 0.42 12.07
C GLY A 5 -9.93 1.02 13.07
N GLN A 6 -8.64 1.03 12.72
CA GLN A 6 -7.60 1.59 13.57
C GLN A 6 -6.24 1.38 12.95
N CYS A 7 -6.00 2.12 11.88
CA CYS A 7 -4.75 2.04 11.15
C CYS A 7 -4.32 3.41 10.63
N SER A 8 -3.03 3.68 10.64
CA SER A 8 -2.53 4.95 10.14
C SER A 8 -3.06 5.15 8.73
N GLN A 9 -3.40 6.37 8.41
CA GLN A 9 -3.96 6.68 7.10
C GLN A 9 -3.19 6.01 5.97
N ASN A 10 -3.96 5.39 5.09
CA ASN A 10 -3.41 4.70 3.94
C ASN A 10 -2.61 3.47 4.33
N GLU A 11 -3.02 2.81 5.42
CA GLU A 11 -2.31 1.60 5.84
C GLU A 11 -2.85 0.39 5.11
N TYR A 12 -1.95 -0.55 4.78
CA TYR A 12 -2.37 -1.75 4.06
C TYR A 12 -2.30 -2.98 4.95
N PHE A 13 -3.45 -3.61 5.12
CA PHE A 13 -3.58 -4.81 5.96
C PHE A 13 -3.23 -6.07 5.19
N ASP A 14 -2.00 -6.53 5.36
CA ASP A 14 -1.54 -7.75 4.70
C ASP A 14 -2.16 -8.97 5.36
N SER A 15 -3.18 -9.54 4.73
CA SER A 15 -3.85 -10.71 5.28
C SER A 15 -2.84 -11.78 5.66
N LEU A 16 -1.66 -11.73 5.04
CA LEU A 16 -0.60 -12.70 5.32
C LEU A 16 0.16 -12.29 6.58
N LEU A 17 0.22 -10.99 6.83
CA LEU A 17 0.92 -10.46 7.99
C LEU A 17 -0.03 -10.09 9.12
N HIS A 18 -1.32 -9.90 8.79
CA HIS A 18 -2.31 -9.53 9.78
C HIS A 18 -1.91 -8.21 10.45
N ALA A 19 -1.46 -7.27 9.64
CA ALA A 19 -1.03 -5.98 10.13
C ALA A 19 -1.16 -4.91 9.07
N CYS A 20 -2.02 -3.95 9.31
CA CYS A 20 -2.19 -2.85 8.38
C CYS A 20 -0.94 -1.97 8.43
N ILE A 21 -0.15 -2.05 7.37
CA ILE A 21 1.12 -1.33 7.27
C ILE A 21 1.11 -0.28 6.17
N PRO A 22 1.77 0.87 6.38
CA PRO A 22 1.85 1.91 5.36
C PRO A 22 2.30 1.35 4.01
N CYS A 23 2.17 2.15 2.95
CA CYS A 23 2.56 1.70 1.62
C CYS A 23 3.14 2.82 0.77
N GLN A 24 2.84 4.07 1.12
CA GLN A 24 3.36 5.21 0.35
C GLN A 24 4.86 5.09 0.18
N LEU A 25 5.52 4.66 1.23
CA LEU A 25 6.97 4.49 1.21
C LEU A 25 7.39 3.32 0.31
N ARG A 26 6.42 2.61 -0.26
CA ARG A 26 6.72 1.49 -1.13
C ARG A 26 6.35 1.78 -2.58
N CYS A 27 5.71 2.91 -2.80
CA CYS A 27 5.32 3.31 -4.15
C CYS A 27 6.55 3.72 -4.96
N SER A 28 6.40 3.94 -6.26
CA SER A 28 7.50 4.34 -7.12
C SER A 28 8.71 3.45 -6.92
N SER A 29 8.45 2.15 -6.83
CA SER A 29 9.50 1.16 -6.65
C SER A 29 8.98 -0.21 -7.07
N ASN A 30 9.85 -1.19 -6.99
CA ASN A 30 9.49 -2.55 -7.35
C ASN A 30 8.41 -3.06 -6.43
N THR A 31 8.78 -3.16 -5.14
CA THR A 31 7.87 -3.62 -4.08
C THR A 31 6.49 -3.97 -4.61
N PRO A 32 6.38 -5.12 -5.28
CA PRO A 32 5.12 -5.60 -5.86
C PRO A 32 3.91 -5.29 -4.98
N PRO A 33 3.23 -4.17 -5.25
CA PRO A 33 2.06 -3.73 -4.49
C PRO A 33 0.75 -4.24 -5.07
N LEU A 34 0.39 -5.47 -4.73
CA LEU A 34 -0.86 -6.04 -5.24
C LEU A 34 -2.05 -5.33 -4.59
N THR A 35 -2.02 -5.21 -3.27
CA THR A 35 -3.08 -4.53 -2.56
C THR A 35 -2.80 -3.03 -2.50
N CYS A 36 -1.68 -2.60 -3.10
CA CYS A 36 -1.31 -1.19 -3.09
C CYS A 36 -1.22 -0.61 -4.50
N GLN A 37 -1.23 -1.47 -5.51
CA GLN A 37 -1.15 -1.01 -6.89
C GLN A 37 -2.25 -0.01 -7.19
N ARG A 38 -3.32 -0.07 -6.43
CA ARG A 38 -4.45 0.84 -6.61
C ARG A 38 -4.04 2.25 -6.17
N TYR A 39 -3.51 2.35 -4.96
CA TYR A 39 -3.10 3.64 -4.41
C TYR A 39 -1.81 4.13 -5.03
N CYS A 40 -0.84 3.23 -5.20
CA CYS A 40 0.44 3.64 -5.79
C CYS A 40 0.23 4.25 -7.16
N ASN A 41 -0.72 3.71 -7.92
CA ASN A 41 -1.01 4.25 -9.24
C ASN A 41 -1.70 5.61 -9.11
N ALA A 42 -2.18 5.89 -7.90
CA ALA A 42 -2.83 7.15 -7.61
C ALA A 42 -1.85 8.10 -6.94
N SER A 43 -0.58 7.77 -7.07
CA SER A 43 0.49 8.58 -6.51
C SER A 43 1.62 8.75 -7.52
N VAL A 44 1.34 8.42 -8.78
CA VAL A 44 2.31 8.54 -9.84
C VAL A 44 1.65 9.04 -11.13
N THR A 45 1.02 10.21 -11.03
CA THR A 45 0.33 10.85 -12.15
C THR A 45 -1.09 10.29 -12.33
N ASN A 46 -1.23 8.97 -12.25
CA ASN A 46 -2.54 8.34 -12.40
C ASN A 46 -3.27 8.85 -13.65
N SER A 47 -4.57 8.60 -13.71
CA SER A 47 -5.39 9.03 -14.84
C SER A 47 -5.12 8.18 -16.07
N VAL A 48 -5.93 7.15 -16.26
CA VAL A 48 -5.82 6.25 -17.40
C VAL A 48 -6.69 5.02 -17.20
N LYS A 49 -7.85 5.05 -17.81
CA LYS A 49 -8.82 3.97 -17.75
C LYS A 49 -10.18 4.44 -18.26
N CY1 A 50 -11.20 3.63 -18.02
CA CY1 A 50 -12.56 3.96 -18.45
CB CY1 A 50 -12.76 3.58 -19.92
SG CY1 A 50 -14.02 4.59 -20.73
CD CY1 A 50 -15.18 3.35 -21.32
NE CY1 A 50 -16.44 3.98 -21.70
CZ CY1 A 50 -17.07 3.76 -22.85
OAC CY1 A 50 -16.66 2.99 -23.73
CM CY1 A 50 -18.37 4.52 -23.06
C CY1 A 50 -13.60 3.27 -17.58
O CY1 A 50 -13.67 2.04 -17.55
H CY1 A 50 -11.06 2.79 -17.54
HA CY1 A 50 -12.69 5.03 -18.35
HB2 CY1 A 50 -11.84 3.70 -20.45
HB3 CY1 A 50 -13.07 2.55 -19.97
HD2 CY1 A 50 -14.63 3.08 -22.20
HD3 CY1 A 50 -15.32 2.78 -20.42
HE CY1 A 50 -16.86 4.60 -21.07
HM1 CY1 A 50 -19.17 4.00 -22.54
HM2 CY1 A 50 -18.57 4.61 -24.12
HM3 CY1 A 50 -18.29 5.50 -22.64
N NH2 A 51 -14.41 4.03 -16.86
HN1 NH2 A 51 -14.30 5.01 -16.93
HN2 NH2 A 51 -15.08 3.60 -16.30
N LEU A 1 -14.46 -9.95 1.06
CA LEU A 1 -13.09 -9.73 1.60
C LEU A 1 -13.12 -9.57 3.11
N GLN A 2 -11.99 -9.88 3.75
CA GLN A 2 -11.89 -9.77 5.21
C GLN A 2 -10.98 -8.61 5.60
N MET A 3 -11.50 -7.70 6.42
CA MET A 3 -10.75 -6.54 6.89
C MET A 3 -10.69 -5.43 5.83
N ALA A 4 -11.19 -5.73 4.65
CA ALA A 4 -11.20 -4.76 3.58
C ALA A 4 -12.21 -3.64 3.83
N GLY A 5 -11.99 -2.89 4.91
CA GLY A 5 -12.89 -1.81 5.26
C GLY A 5 -12.67 -1.29 6.66
N GLN A 6 -11.40 -1.20 7.07
CA GLN A 6 -11.05 -0.72 8.40
C GLN A 6 -9.55 -0.81 8.60
N CYS A 7 -8.83 0.04 7.90
CA CYS A 7 -7.38 0.07 7.98
C CYS A 7 -6.86 1.47 8.26
N SER A 8 -5.74 1.55 8.97
CA SER A 8 -5.14 2.85 9.27
C SER A 8 -4.93 3.61 7.98
N GLN A 9 -4.85 4.93 8.08
CA GLN A 9 -4.69 5.77 6.91
C GLN A 9 -3.59 5.27 5.98
N ASN A 10 -3.93 5.20 4.70
CA ASN A 10 -3.03 4.74 3.67
C ASN A 10 -2.27 3.50 4.11
N GLU A 11 -2.90 2.68 4.93
CA GLU A 11 -2.26 1.46 5.40
C GLU A 11 -2.83 0.23 4.71
N TYR A 12 -1.96 -0.75 4.45
CA TYR A 12 -2.40 -1.97 3.76
C TYR A 12 -2.36 -3.18 4.68
N PHE A 13 -3.49 -3.87 4.79
CA PHE A 13 -3.62 -5.05 5.64
C PHE A 13 -2.97 -6.27 5.03
N ASP A 14 -1.77 -6.59 5.48
CA ASP A 14 -1.06 -7.76 5.01
C ASP A 14 -1.61 -9.00 5.70
N SER A 15 -2.44 -9.76 4.99
CA SER A 15 -3.03 -10.97 5.55
C SER A 15 -1.96 -11.86 6.16
N LEU A 16 -0.72 -11.68 5.74
CA LEU A 16 0.39 -12.46 6.26
C LEU A 16 0.89 -11.87 7.58
N LEU A 17 0.73 -10.56 7.73
CA LEU A 17 1.17 -9.85 8.93
C LEU A 17 -0.01 -9.57 9.87
N HIS A 18 -1.23 -9.55 9.33
CA HIS A 18 -2.41 -9.28 10.13
C HIS A 18 -2.33 -7.87 10.73
N ALA A 19 -2.00 -6.92 9.88
CA ALA A 19 -1.86 -5.54 10.29
C ALA A 19 -1.82 -4.61 9.10
N CYS A 20 -2.67 -3.61 9.12
CA CYS A 20 -2.68 -2.63 8.06
C CYS A 20 -1.40 -1.81 8.15
N ILE A 21 -0.50 -2.06 7.21
CA ILE A 21 0.80 -1.42 7.17
C ILE A 21 0.96 -0.51 5.95
N PRO A 22 1.66 0.62 6.11
CA PRO A 22 1.90 1.56 5.00
C PRO A 22 2.36 0.87 3.72
N CYS A 23 2.33 1.62 2.62
CA CYS A 23 2.73 1.08 1.31
C CYS A 23 3.48 2.13 0.48
N GLN A 24 3.30 3.41 0.83
CA GLN A 24 3.95 4.51 0.11
C GLN A 24 5.42 4.21 -0.19
N LEU A 25 6.17 3.99 0.87
CA LEU A 25 7.61 3.71 0.76
C LEU A 25 7.89 2.46 -0.08
N ARG A 26 6.87 1.64 -0.30
CA ARG A 26 7.03 0.41 -1.06
C ARG A 26 6.21 0.40 -2.35
N CYS A 27 5.53 1.51 -2.59
CA CYS A 27 4.67 1.67 -3.76
C CYS A 27 5.19 0.94 -5.02
N SER A 28 5.80 1.68 -5.94
CA SER A 28 6.28 1.10 -7.17
C SER A 28 7.76 0.74 -7.13
N SER A 29 8.26 0.40 -5.95
CA SER A 29 9.66 0.03 -5.84
C SER A 29 9.91 -1.03 -4.78
N ASN A 30 10.71 -2.02 -5.17
CA ASN A 30 11.10 -3.13 -4.30
C ASN A 30 9.91 -3.74 -3.59
N THR A 31 8.73 -3.62 -4.20
CA THR A 31 7.53 -4.17 -3.59
C THR A 31 6.31 -4.00 -4.51
N PRO A 32 6.07 -4.92 -5.47
CA PRO A 32 4.90 -4.82 -6.36
C PRO A 32 3.63 -4.61 -5.54
N PRO A 33 3.04 -3.40 -5.61
CA PRO A 33 1.82 -3.07 -4.86
C PRO A 33 0.55 -3.52 -5.53
N LEU A 34 0.26 -4.80 -5.43
CA LEU A 34 -0.95 -5.34 -6.02
C LEU A 34 -2.18 -4.84 -5.25
N THR A 35 -2.16 -4.93 -3.92
CA THR A 35 -3.26 -4.45 -3.12
C THR A 35 -3.06 -2.97 -2.79
N CYS A 36 -1.99 -2.38 -3.31
CA CYS A 36 -1.71 -0.96 -3.06
C CYS A 36 -1.69 -0.15 -4.35
N GLN A 37 -1.70 -0.83 -5.50
CA GLN A 37 -1.68 -0.16 -6.80
C GLN A 37 -2.73 0.93 -6.88
N ARG A 38 -3.90 0.65 -6.32
CA ARG A 38 -4.99 1.61 -6.35
C ARG A 38 -4.58 2.92 -5.69
N TYR A 39 -4.11 2.83 -4.45
CA TYR A 39 -3.70 4.01 -3.70
C TYR A 39 -2.37 4.57 -4.20
N CYS A 40 -1.43 3.69 -4.50
CA CYS A 40 -0.13 4.13 -4.97
C CYS A 40 -0.26 4.88 -6.29
N ASN A 41 -1.21 4.48 -7.12
CA ASN A 41 -1.43 5.16 -8.39
C ASN A 41 -2.15 6.48 -8.14
N ALA A 42 -2.71 6.62 -6.95
CA ALA A 42 -3.42 7.84 -6.57
C ALA A 42 -2.65 8.59 -5.49
N SER A 43 -1.34 8.37 -5.48
CA SER A 43 -0.46 9.02 -4.52
C SER A 43 0.74 9.65 -5.23
N VAL A 44 1.24 8.98 -6.26
CA VAL A 44 2.39 9.48 -7.01
C VAL A 44 3.66 9.46 -6.18
N THR A 45 4.00 8.28 -5.67
CA THR A 45 5.19 8.07 -4.85
C THR A 45 5.06 8.77 -3.49
N ASN A 46 4.68 10.05 -3.47
CA ASN A 46 4.52 10.79 -2.22
C ASN A 46 5.76 10.65 -1.35
N SER A 47 5.70 11.23 -0.15
CA SER A 47 6.82 11.17 0.80
C SER A 47 7.97 12.03 0.32
N VAL A 48 8.50 12.86 1.22
CA VAL A 48 9.60 13.76 0.92
C VAL A 48 9.32 14.57 -0.34
N LYS A 49 8.78 15.74 -0.10
CA LYS A 49 8.45 16.67 -1.17
C LYS A 49 7.53 16.02 -2.21
N CY1 A 50 7.27 16.71 -3.33
CA CY1 A 50 6.52 16.17 -4.49
CB CY1 A 50 5.79 17.32 -5.24
SG CY1 A 50 4.34 17.98 -4.35
CD CY1 A 50 3.14 16.62 -4.55
NE CY1 A 50 2.98 16.30 -5.96
CZ CY1 A 50 2.29 15.23 -6.40
OAC CY1 A 50 1.73 14.50 -5.62
CM CY1 A 50 2.25 15.06 -7.89
C CY1 A 50 7.34 15.37 -5.51
O CY1 A 50 6.93 15.09 -6.61
H CY1 A 50 7.61 17.65 -3.38
HA CY1 A 50 5.77 15.45 -4.14
HB2 CY1 A 50 5.46 16.97 -6.22
HB3 CY1 A 50 6.50 18.13 -5.41
HD2 CY1 A 50 2.16 16.92 -4.13
HD3 CY1 A 50 3.49 15.71 -4.02
HE CY1 A 50 3.41 16.90 -6.63
HM1 CY1 A 50 1.89 15.96 -8.37
HM2 CY1 A 50 1.58 14.23 -8.13
HM3 CY1 A 50 3.25 14.83 -8.26
N NH2 A 51 8.63 15.20 -5.29
HN1 NH2 A 51 8.97 15.26 -4.35
HN2 NH2 A 51 9.11 14.64 -5.97
N LEU A 1 -4.72 -13.91 6.68
CA LEU A 1 -5.67 -14.92 7.20
C LEU A 1 -7.11 -14.39 7.19
N GLN A 2 -7.27 -13.17 7.69
CA GLN A 2 -8.58 -12.53 7.74
C GLN A 2 -8.46 -11.01 7.76
N MET A 3 -9.27 -10.36 6.92
CA MET A 3 -9.29 -8.89 6.82
C MET A 3 -9.89 -8.44 5.48
N ALA A 4 -9.38 -9.00 4.36
CA ALA A 4 -9.85 -8.66 3.02
C ALA A 4 -11.16 -7.86 3.03
N GLY A 5 -11.04 -6.55 3.22
CA GLY A 5 -12.21 -5.69 3.25
C GLY A 5 -12.39 -4.99 4.59
N GLN A 6 -11.28 -4.52 5.15
CA GLN A 6 -11.30 -3.84 6.43
C GLN A 6 -9.89 -3.44 6.85
N CYS A 7 -9.34 -2.49 6.13
CA CYS A 7 -7.99 -2.00 6.38
C CYS A 7 -7.96 -0.48 6.44
N SER A 8 -7.08 0.06 7.28
CA SER A 8 -6.96 1.51 7.39
C SER A 8 -6.76 2.10 6.00
N GLN A 9 -7.22 3.33 5.82
CA GLN A 9 -7.12 3.98 4.53
C GLN A 9 -5.70 3.92 3.98
N ASN A 10 -5.59 3.39 2.77
CA ASN A 10 -4.31 3.26 2.10
C ASN A 10 -3.39 2.30 2.84
N GLU A 11 -3.98 1.36 3.55
CA GLU A 11 -3.19 0.39 4.29
C GLU A 11 -3.28 -1.01 3.69
N TYR A 12 -2.17 -1.74 3.72
CA TYR A 12 -2.16 -3.10 3.18
C TYR A 12 -1.92 -4.14 4.25
N PHE A 13 -2.84 -5.10 4.34
CA PHE A 13 -2.76 -6.17 5.33
C PHE A 13 -1.75 -7.22 4.93
N ASP A 14 -0.51 -7.01 5.34
CA ASP A 14 0.54 -7.98 5.04
C ASP A 14 0.25 -9.30 5.72
N SER A 15 -0.19 -10.29 4.94
CA SER A 15 -0.53 -11.59 5.50
C SER A 15 0.65 -12.17 6.30
N LEU A 16 1.83 -11.57 6.15
CA LEU A 16 3.01 -12.01 6.88
C LEU A 16 3.12 -11.24 8.20
N LEU A 17 2.56 -10.03 8.21
CA LEU A 17 2.60 -9.18 9.39
C LEU A 17 1.26 -9.19 10.13
N HIS A 18 0.18 -9.54 9.44
CA HIS A 18 -1.14 -9.58 10.05
C HIS A 18 -1.53 -8.20 10.54
N ALA A 19 -1.32 -7.21 9.69
CA ALA A 19 -1.63 -5.84 10.03
C ALA A 19 -1.67 -4.97 8.78
N CYS A 20 -2.76 -4.27 8.60
CA CYS A 20 -2.87 -3.38 7.47
C CYS A 20 -1.88 -2.23 7.64
N ILE A 21 -0.82 -2.30 6.86
CA ILE A 21 0.27 -1.32 6.92
C ILE A 21 0.33 -0.47 5.66
N PRO A 22 0.69 0.82 5.79
CA PRO A 22 0.79 1.71 4.64
C PRO A 22 1.74 1.19 3.57
N CYS A 23 1.37 1.37 2.30
CA CYS A 23 2.19 0.93 1.17
C CYS A 23 3.16 2.01 0.72
N GLN A 24 2.84 3.27 1.03
CA GLN A 24 3.67 4.40 0.63
C GLN A 24 5.15 4.09 0.75
N LEU A 25 5.54 3.58 1.91
CA LEU A 25 6.93 3.25 2.17
C LEU A 25 7.52 2.33 1.11
N ARG A 26 6.67 1.54 0.46
CA ARG A 26 7.13 0.61 -0.57
C ARG A 26 6.45 0.82 -1.91
N CYS A 27 5.52 1.76 -1.95
CA CYS A 27 4.75 2.10 -3.16
C CYS A 27 4.40 0.85 -3.97
N SER A 28 5.32 0.40 -4.83
CA SER A 28 5.10 -0.75 -5.65
C SER A 28 6.38 -1.57 -5.82
N SER A 29 6.98 -1.96 -4.70
CA SER A 29 8.19 -2.76 -4.73
C SER A 29 8.34 -3.53 -3.42
N ASN A 30 8.81 -4.76 -3.54
CA ASN A 30 8.99 -5.62 -2.38
C ASN A 30 7.73 -5.70 -1.53
N THR A 31 6.60 -5.38 -2.16
CA THR A 31 5.31 -5.39 -1.49
C THR A 31 4.17 -5.20 -2.50
N PRO A 32 3.80 -6.25 -3.26
CA PRO A 32 2.73 -6.14 -4.26
C PRO A 32 1.51 -5.37 -3.75
N PRO A 33 1.38 -4.09 -4.17
CA PRO A 33 0.27 -3.23 -3.75
C PRO A 33 -0.98 -3.45 -4.58
N LEU A 34 -1.70 -4.53 -4.29
CA LEU A 34 -2.92 -4.81 -5.02
C LEU A 34 -3.97 -3.74 -4.73
N THR A 35 -4.15 -3.39 -3.46
CA THR A 35 -5.09 -2.35 -3.09
C THR A 35 -4.39 -0.99 -3.09
N CYS A 36 -3.11 -0.97 -3.47
CA CYS A 36 -2.35 0.27 -3.49
C CYS A 36 -1.82 0.61 -4.88
N GLN A 37 -1.88 -0.34 -5.81
CA GLN A 37 -1.39 -0.11 -7.18
C GLN A 37 -1.94 1.19 -7.74
N ARG A 38 -3.12 1.58 -7.25
CA ARG A 38 -3.76 2.81 -7.71
C ARG A 38 -3.17 4.01 -6.97
N TYR A 39 -2.82 3.82 -5.71
CA TYR A 39 -2.24 4.88 -4.92
C TYR A 39 -0.78 5.09 -5.28
N CYS A 40 -0.07 4.00 -5.53
CA CYS A 40 1.32 4.08 -5.91
C CYS A 40 1.48 4.94 -7.16
N ASN A 41 0.49 4.90 -8.05
CA ASN A 41 0.53 5.70 -9.25
C ASN A 41 0.41 7.18 -8.90
N ALA A 42 -0.06 7.45 -7.69
CA ALA A 42 -0.22 8.81 -7.20
C ALA A 42 0.83 9.12 -6.14
N SER A 43 1.96 8.44 -6.23
CA SER A 43 3.05 8.62 -5.29
C SER A 43 4.39 8.59 -6.01
N VAL A 44 4.50 7.73 -7.02
CA VAL A 44 5.72 7.58 -7.81
C VAL A 44 6.95 7.44 -6.91
N THR A 45 6.84 6.53 -5.95
CA THR A 45 7.92 6.25 -5.02
C THR A 45 8.17 7.45 -4.09
N ASN A 46 8.67 8.55 -4.64
CA ASN A 46 8.95 9.74 -3.84
C ASN A 46 9.60 10.83 -4.69
N SER A 47 8.79 11.79 -5.14
CA SER A 47 9.30 12.90 -5.94
C SER A 47 9.95 12.40 -7.23
N VAL A 48 9.11 11.89 -8.14
CA VAL A 48 9.58 11.36 -9.42
C VAL A 48 10.74 10.40 -9.24
N LYS A 49 10.38 9.15 -9.11
CA LYS A 49 11.34 8.06 -8.93
C LYS A 49 12.30 8.36 -7.78
N CY1 A 50 13.33 7.52 -7.65
CA CY1 A 50 14.32 7.69 -6.60
CB CY1 A 50 14.10 6.66 -5.49
SG CY1 A 50 14.97 7.09 -3.96
CD CY1 A 50 13.62 7.40 -2.82
NE CY1 A 50 13.87 8.60 -2.04
CZ CY1 A 50 14.12 8.61 -0.74
OAC CY1 A 50 14.16 7.60 -0.04
CM CY1 A 50 14.35 9.98 -0.13
C CY1 A 50 15.73 7.57 -7.16
O CY1 A 50 16.32 6.49 -7.14
H CY1 A 50 13.42 6.77 -8.27
HA CY1 A 50 14.20 8.69 -6.17
HB2 CY1 A 50 13.05 6.60 -5.28
HB3 CY1 A 50 14.46 5.70 -5.83
HD2 CY1 A 50 12.84 7.58 -3.55
HD3 CY1 A 50 13.81 6.52 -2.21
HE CY1 A 50 13.73 9.47 -2.48
HM1 CY1 A 50 13.55 10.64 -0.41
HM2 CY1 A 50 15.32 10.36 -0.47
HM3 CY1 A 50 14.39 9.91 0.94
N NH2 A 51 16.29 8.66 -7.65
HN1 NH2 A 51 15.78 9.50 -7.64
HN2 NH2 A 51 17.20 8.60 -8.02
N LEU A 1 -5.22 -2.52 12.15
CA LEU A 1 -5.65 -3.32 13.33
C LEU A 1 -6.56 -4.47 12.92
N GLN A 2 -7.70 -4.13 12.35
CA GLN A 2 -8.66 -5.13 11.91
C GLN A 2 -9.09 -4.89 10.46
N MET A 3 -9.20 -5.99 9.70
CA MET A 3 -9.60 -5.96 8.28
C MET A 3 -8.71 -6.89 7.48
N ALA A 4 -9.30 -7.95 7.00
CA ALA A 4 -8.58 -8.95 6.20
C ALA A 4 -8.90 -8.79 4.72
N GLY A 5 -8.35 -7.74 4.11
CA GLY A 5 -8.60 -7.49 2.69
C GLY A 5 -9.42 -6.25 2.45
N GLN A 6 -9.17 -5.21 3.26
CA GLN A 6 -9.89 -3.96 3.14
C GLN A 6 -9.44 -2.98 4.21
N CYS A 7 -8.21 -2.51 4.06
CA CYS A 7 -7.63 -1.56 5.00
C CYS A 7 -7.80 -0.14 4.52
N SER A 8 -7.55 0.81 5.42
CA SER A 8 -7.64 2.22 5.07
C SER A 8 -6.81 2.48 3.82
N GLN A 9 -7.20 3.50 3.07
CA GLN A 9 -6.51 3.84 1.83
C GLN A 9 -4.99 3.66 1.94
N ASN A 10 -4.41 3.23 0.83
CA ASN A 10 -2.98 2.99 0.74
C ASN A 10 -2.46 2.14 1.89
N GLU A 11 -3.32 1.26 2.41
CA GLU A 11 -2.91 0.40 3.52
C GLU A 11 -3.21 -1.05 3.21
N TYR A 12 -2.27 -1.95 3.53
CA TYR A 12 -2.51 -3.37 3.23
C TYR A 12 -2.20 -4.27 4.42
N PHE A 13 -3.20 -5.06 4.82
CA PHE A 13 -3.09 -5.99 5.94
C PHE A 13 -2.41 -7.28 5.51
N ASP A 14 -1.21 -7.51 6.01
CA ASP A 14 -0.48 -8.74 5.69
C ASP A 14 -1.05 -9.89 6.50
N SER A 15 -1.96 -10.64 5.91
CA SER A 15 -2.58 -11.77 6.59
C SER A 15 -1.54 -12.66 7.23
N LEU A 16 -0.32 -12.63 6.69
CA LEU A 16 0.77 -13.44 7.24
C LEU A 16 1.43 -12.72 8.41
N LEU A 17 1.33 -11.39 8.41
CA LEU A 17 1.92 -10.56 9.45
C LEU A 17 0.88 -10.07 10.44
N HIS A 18 -0.39 -10.07 10.05
CA HIS A 18 -1.45 -9.58 10.91
C HIS A 18 -1.21 -8.12 11.25
N ALA A 19 -0.99 -7.33 10.21
CA ALA A 19 -0.71 -5.93 10.34
C ALA A 19 -0.98 -5.21 9.04
N CYS A 20 -1.55 -4.05 9.17
CA CYS A 20 -1.83 -3.20 8.03
C CYS A 20 -0.61 -2.34 7.75
N ILE A 21 0.02 -2.59 6.62
CA ILE A 21 1.22 -1.88 6.20
C ILE A 21 0.89 -0.87 5.10
N PRO A 22 1.51 0.30 5.14
CA PRO A 22 1.25 1.32 4.13
C PRO A 22 1.90 0.97 2.79
N CYS A 23 1.45 1.63 1.73
CA CYS A 23 1.98 1.37 0.38
C CYS A 23 2.73 2.59 -0.16
N GLN A 24 2.44 3.77 0.38
CA GLN A 24 3.11 4.99 -0.07
C GLN A 24 4.62 4.86 0.08
N LEU A 25 5.04 4.51 1.28
CA LEU A 25 6.46 4.34 1.58
C LEU A 25 7.05 3.17 0.81
N ARG A 26 6.19 2.35 0.18
CA ARG A 26 6.65 1.19 -0.58
C ARG A 26 6.44 1.38 -2.07
N CYS A 27 5.82 2.50 -2.42
CA CYS A 27 5.56 2.83 -3.83
C CYS A 27 6.87 2.82 -4.63
N SER A 28 6.77 2.98 -5.95
CA SER A 28 7.92 3.03 -6.83
C SER A 28 8.70 1.71 -6.84
N SER A 29 8.01 0.63 -7.16
CA SER A 29 8.63 -0.68 -7.25
C SER A 29 9.17 -1.17 -5.91
N ASN A 30 9.36 -2.48 -5.84
CA ASN A 30 9.88 -3.16 -4.65
C ASN A 30 8.77 -3.50 -3.67
N THR A 31 7.52 -3.42 -4.13
CA THR A 31 6.38 -3.73 -3.28
C THR A 31 5.09 -3.80 -4.11
N PRO A 32 4.90 -4.89 -4.90
CA PRO A 32 3.70 -5.05 -5.74
C PRO A 32 2.41 -4.65 -5.01
N PRO A 33 1.91 -3.43 -5.27
CA PRO A 33 0.70 -2.91 -4.65
C PRO A 33 -0.54 -3.21 -5.44
N LEU A 34 -1.00 -4.45 -5.36
CA LEU A 34 -2.21 -4.83 -6.08
C LEU A 34 -3.42 -4.03 -5.59
N THR A 35 -3.52 -3.84 -4.28
CA THR A 35 -4.60 -3.06 -3.72
C THR A 35 -4.17 -1.60 -3.54
N CYS A 36 -2.94 -1.28 -3.97
CA CYS A 36 -2.44 0.08 -3.81
C CYS A 36 -1.88 0.65 -5.12
N GLN A 37 -1.84 -0.16 -6.18
CA GLN A 37 -1.32 0.28 -7.47
C GLN A 37 -1.98 1.59 -7.91
N ARG A 38 -3.22 1.77 -7.50
CA ARG A 38 -3.97 2.98 -7.85
C ARG A 38 -3.43 4.18 -7.07
N TYR A 39 -3.17 3.98 -5.78
CA TYR A 39 -2.66 5.04 -4.94
C TYR A 39 -1.18 5.28 -5.19
N CYS A 40 -0.44 4.20 -5.32
CA CYS A 40 1.00 4.29 -5.57
C CYS A 40 1.24 5.11 -6.83
N ASN A 41 0.53 4.76 -7.90
CA ASN A 41 0.67 5.49 -9.16
C ASN A 41 0.12 6.91 -9.02
N ALA A 42 -0.68 7.11 -7.99
CA ALA A 42 -1.26 8.42 -7.72
C ALA A 42 -0.69 8.99 -6.43
N SER A 43 0.52 8.56 -6.11
CA SER A 43 1.21 9.01 -4.92
C SER A 43 2.69 9.26 -5.20
N VAL A 44 3.30 8.38 -5.99
CA VAL A 44 4.71 8.51 -6.35
C VAL A 44 5.58 8.60 -5.10
N THR A 45 5.43 7.62 -4.22
CA THR A 45 6.19 7.56 -2.99
C THR A 45 6.04 8.85 -2.18
N ASN A 46 6.56 8.85 -0.96
CA ASN A 46 6.48 10.01 -0.09
C ASN A 46 7.77 10.17 0.71
N SER A 47 8.71 10.96 0.16
CA SER A 47 10.00 11.20 0.81
C SER A 47 10.89 9.97 0.69
N VAL A 48 12.18 10.20 0.49
CA VAL A 48 13.17 9.13 0.36
C VAL A 48 14.48 9.69 -0.16
N LYS A 49 15.40 9.88 0.76
CA LYS A 49 16.73 10.42 0.45
C LYS A 49 17.23 9.95 -0.91
N CY1 A 50 17.30 8.63 -1.13
CA CY1 A 50 17.80 7.97 -2.37
CB CY1 A 50 18.29 6.56 -1.99
SG CY1 A 50 17.12 5.71 -0.87
CD CY1 A 50 18.25 4.87 0.27
NE CY1 A 50 17.49 4.48 1.44
CZ CY1 A 50 17.72 4.95 2.68
OAC CY1 A 50 18.59 5.75 2.91
CM CY1 A 50 16.74 4.50 3.72
C CY1 A 50 16.86 7.92 -3.57
O CY1 A 50 17.05 7.19 -4.52
H CY1 A 50 16.91 8.01 -0.44
HA CY1 A 50 18.65 8.55 -2.75
HB2 CY1 A 50 19.25 6.66 -1.48
HB3 CY1 A 50 18.45 5.96 -2.89
HD2 CY1 A 50 19.07 5.55 0.56
HD3 CY1 A 50 18.67 3.98 -0.21
HE CY1 A 50 16.67 3.92 1.28
HM1 CY1 A 50 16.82 3.42 3.88
HM2 CY1 A 50 15.72 4.74 3.40
HM3 CY1 A 50 16.94 5.00 4.66
N NH2 A 51 15.74 8.63 -3.58
HN1 NH2 A 51 15.54 9.28 -2.82
HN2 NH2 A 51 15.16 8.58 -4.40
N LEU A 1 -8.56 -12.81 3.80
CA LEU A 1 -10.01 -12.72 4.16
C LEU A 1 -10.19 -12.13 5.55
N GLN A 2 -9.26 -12.43 6.45
CA GLN A 2 -9.32 -11.93 7.82
C GLN A 2 -8.85 -10.48 7.90
N MET A 3 -9.58 -9.66 8.66
CA MET A 3 -9.25 -8.26 8.83
C MET A 3 -9.65 -7.41 7.61
N ALA A 4 -10.16 -8.06 6.58
CA ALA A 4 -10.58 -7.37 5.38
C ALA A 4 -11.78 -6.46 5.64
N GLY A 5 -11.59 -5.49 6.52
CA GLY A 5 -12.66 -4.56 6.86
C GLY A 5 -12.37 -3.79 8.14
N GLN A 6 -11.12 -3.36 8.29
CA GLN A 6 -10.70 -2.61 9.46
C GLN A 6 -9.21 -2.30 9.41
N CYS A 7 -8.86 -1.42 8.49
CA CYS A 7 -7.47 -1.00 8.30
C CYS A 7 -7.36 0.51 8.25
N SER A 8 -6.24 1.04 8.73
CA SER A 8 -6.03 2.47 8.69
C SER A 8 -6.06 2.95 7.25
N GLN A 9 -6.43 4.19 7.04
CA GLN A 9 -6.53 4.75 5.70
C GLN A 9 -5.29 4.45 4.86
N ASN A 10 -5.54 4.02 3.63
CA ASN A 10 -4.49 3.70 2.69
C ASN A 10 -3.51 2.68 3.27
N GLU A 11 -4.01 1.84 4.17
CA GLU A 11 -3.16 0.82 4.77
C GLU A 11 -3.61 -0.58 4.41
N TYR A 12 -2.65 -1.49 4.21
CA TYR A 12 -2.98 -2.86 3.81
C TYR A 12 -2.55 -3.89 4.86
N PHE A 13 -3.51 -4.68 5.32
CA PHE A 13 -3.27 -5.73 6.32
C PHE A 13 -2.62 -6.95 5.70
N ASP A 14 -1.30 -7.03 5.77
CA ASP A 14 -0.59 -8.18 5.24
C ASP A 14 -0.93 -9.41 6.07
N SER A 15 -1.86 -10.22 5.56
CA SER A 15 -2.27 -11.43 6.26
C SER A 15 -1.07 -12.22 6.74
N LEU A 16 0.07 -12.01 6.10
CA LEU A 16 1.30 -12.69 6.47
C LEU A 16 1.97 -11.99 7.65
N LEU A 17 1.75 -10.69 7.75
CA LEU A 17 2.32 -9.89 8.83
C LEU A 17 1.31 -9.61 9.94
N HIS A 18 0.03 -9.69 9.62
CA HIS A 18 -1.02 -9.41 10.60
C HIS A 18 -0.94 -7.95 11.05
N ALA A 19 -0.92 -7.06 10.08
CA ALA A 19 -0.84 -5.64 10.33
C ALA A 19 -1.11 -4.87 9.07
N CYS A 20 -1.79 -3.76 9.21
CA CYS A 20 -2.08 -2.91 8.09
C CYS A 20 -0.87 -2.02 7.80
N ILE A 21 -0.20 -2.30 6.68
CA ILE A 21 0.99 -1.57 6.25
C ILE A 21 0.64 -0.54 5.21
N PRO A 22 1.35 0.60 5.16
CA PRO A 22 1.08 1.64 4.18
C PRO A 22 1.71 1.34 2.82
N CYS A 23 0.90 1.46 1.78
CA CYS A 23 1.37 1.21 0.41
C CYS A 23 2.50 2.15 0.04
N GLN A 24 2.49 3.35 0.62
CA GLN A 24 3.52 4.34 0.36
C GLN A 24 4.90 3.80 0.71
N LEU A 25 4.98 3.21 1.89
CA LEU A 25 6.22 2.65 2.40
C LEU A 25 6.76 1.54 1.49
N ARG A 26 5.88 1.00 0.64
CA ARG A 26 6.28 -0.07 -0.26
C ARG A 26 6.13 0.31 -1.72
N CYS A 27 5.62 1.50 -1.96
CA CYS A 27 5.41 2.01 -3.32
C CYS A 27 6.76 2.14 -4.04
N SER A 28 6.72 2.15 -5.37
CA SER A 28 7.91 2.28 -6.18
C SER A 28 9.03 1.34 -5.74
N SER A 29 8.63 0.20 -5.17
CA SER A 29 9.58 -0.80 -4.72
C SER A 29 8.88 -2.11 -4.40
N ASN A 30 9.49 -3.21 -4.81
CA ASN A 30 8.94 -4.54 -4.58
C ASN A 30 7.62 -4.75 -5.32
N THR A 31 7.21 -3.75 -6.12
CA THR A 31 5.97 -3.79 -6.90
C THR A 31 4.88 -4.66 -6.26
N PRO A 32 4.53 -4.41 -4.98
CA PRO A 32 3.54 -5.18 -4.27
C PRO A 32 2.21 -4.43 -4.00
N PRO A 33 1.85 -3.40 -4.81
CA PRO A 33 0.62 -2.65 -4.59
C PRO A 33 -0.55 -3.18 -5.40
N LEU A 34 -1.14 -4.28 -4.96
CA LEU A 34 -2.27 -4.84 -5.67
C LEU A 34 -3.53 -4.00 -5.43
N THR A 35 -3.85 -3.69 -4.17
CA THR A 35 -5.00 -2.85 -3.88
C THR A 35 -4.56 -1.39 -3.86
N CYS A 36 -3.30 -1.13 -4.21
CA CYS A 36 -2.80 0.23 -4.20
C CYS A 36 -2.08 0.59 -5.51
N GLN A 37 -2.01 -0.34 -6.46
CA GLN A 37 -1.34 -0.07 -7.74
C GLN A 37 -1.79 1.26 -8.31
N ARG A 38 -3.03 1.62 -8.02
CA ARG A 38 -3.61 2.88 -8.49
C ARG A 38 -3.10 4.04 -7.64
N TYR A 39 -2.99 3.81 -6.34
CA TYR A 39 -2.52 4.82 -5.42
C TYR A 39 -1.01 4.99 -5.49
N CYS A 40 -0.30 3.86 -5.60
CA CYS A 40 1.14 3.89 -5.67
C CYS A 40 1.59 4.63 -6.92
N ASN A 41 0.89 4.41 -8.03
CA ASN A 41 1.22 5.08 -9.27
C ASN A 41 0.73 6.52 -9.24
N ALA A 42 -0.11 6.82 -8.26
CA ALA A 42 -0.64 8.17 -8.09
C ALA A 42 -0.19 8.75 -6.76
N SER A 43 0.95 8.28 -6.28
CA SER A 43 1.52 8.75 -5.03
C SER A 43 3.05 8.84 -5.09
N VAL A 44 3.67 8.04 -5.94
CA VAL A 44 5.12 8.06 -6.09
C VAL A 44 5.52 7.86 -7.55
N THR A 45 5.05 8.77 -8.40
CA THR A 45 5.31 8.74 -9.83
C THR A 45 6.61 8.01 -10.17
N ASN A 46 6.65 7.42 -11.36
CA ASN A 46 7.83 6.69 -11.81
C ASN A 46 7.88 6.65 -13.34
N SER A 47 8.84 5.91 -13.87
CA SER A 47 9.00 5.77 -15.31
C SER A 47 9.38 7.11 -15.94
N VAL A 48 10.60 7.55 -15.67
CA VAL A 48 11.14 8.80 -16.19
C VAL A 48 12.38 9.19 -15.42
N LYS A 49 13.52 8.93 -16.02
CA LYS A 49 14.81 9.24 -15.40
C LYS A 49 14.97 8.48 -14.08
N CY1 A 50 16.13 8.63 -13.46
CA CY1 A 50 16.42 7.96 -12.19
CB CY1 A 50 17.39 6.80 -12.40
SG CY1 A 50 17.13 5.46 -11.22
CD CY1 A 50 18.40 5.76 -9.98
NE CY1 A 50 17.83 5.65 -8.64
CZ CY1 A 50 18.15 4.70 -7.76
OAC CY1 A 50 18.96 3.79 -7.91
CM CY1 A 50 17.41 4.80 -6.44
C CY1 A 50 16.98 8.94 -11.17
O CY1 A 50 16.40 9.14 -10.10
H CY1 A 50 16.83 9.20 -13.87
HA CY1 A 50 15.47 7.57 -11.81
HB2 CY1 A 50 17.26 6.42 -13.40
HB3 CY1 A 50 18.40 7.17 -12.28
HD2 CY1 A 50 18.91 4.84 -10.24
HD3 CY1 A 50 18.81 6.75 -10.13
HE CY1 A 50 16.87 5.81 -8.54
HM1 CY1 A 50 16.94 5.78 -6.37
HM2 CY1 A 50 18.10 4.64 -5.62
HM3 CY1 A 50 16.65 4.04 -6.39
N NH2 A 51 18.11 9.56 -11.48
HN1 NH2 A 51 18.51 9.37 -12.35
HN2 NH2 A 51 18.49 10.19 -10.83
N LEU A 1 -12.73 -9.78 8.29
CA LEU A 1 -11.79 -10.91 8.10
C LEU A 1 -10.34 -10.42 8.11
N GLN A 2 -9.96 -9.69 7.06
CA GLN A 2 -8.61 -9.15 6.93
C GLN A 2 -8.64 -7.81 6.20
N MET A 3 -8.00 -6.80 6.79
CA MET A 3 -7.95 -5.45 6.20
C MET A 3 -9.24 -4.69 6.46
N ALA A 4 -10.26 -5.37 6.96
CA ALA A 4 -11.54 -4.74 7.26
C ALA A 4 -11.92 -4.99 8.71
N GLY A 5 -11.43 -4.13 9.60
CA GLY A 5 -11.73 -4.27 11.01
C GLY A 5 -11.00 -3.26 11.88
N GLN A 6 -9.85 -2.78 11.40
CA GLN A 6 -9.08 -1.80 12.15
C GLN A 6 -7.75 -1.51 11.46
N CYS A 7 -7.85 -0.82 10.34
CA CYS A 7 -6.67 -0.45 9.56
C CYS A 7 -6.63 1.06 9.33
N SER A 8 -5.44 1.62 9.38
CA SER A 8 -5.27 3.05 9.14
C SER A 8 -5.69 3.36 7.71
N GLN A 9 -5.97 4.62 7.44
CA GLN A 9 -6.39 5.04 6.13
C GLN A 9 -5.48 4.48 5.05
N ASN A 10 -6.09 4.03 3.96
CA ASN A 10 -5.38 3.46 2.83
C ASN A 10 -4.32 2.47 3.29
N GLU A 11 -4.57 1.81 4.40
CA GLU A 11 -3.63 0.81 4.90
C GLU A 11 -4.08 -0.59 4.54
N TYR A 12 -3.13 -1.49 4.31
CA TYR A 12 -3.48 -2.86 3.94
C TYR A 12 -2.96 -3.87 4.95
N PHE A 13 -3.90 -4.62 5.51
CA PHE A 13 -3.60 -5.64 6.51
C PHE A 13 -2.96 -6.88 5.87
N ASP A 14 -1.63 -6.88 5.77
CA ASP A 14 -0.94 -8.03 5.19
C ASP A 14 -1.10 -9.24 6.09
N SER A 15 -2.02 -10.12 5.74
CA SER A 15 -2.27 -11.32 6.53
C SER A 15 -0.97 -12.06 6.83
N LEU A 16 0.04 -11.83 5.99
CA LEU A 16 1.33 -12.46 6.18
C LEU A 16 2.16 -11.69 7.19
N LEU A 17 1.90 -10.39 7.30
CA LEU A 17 2.60 -9.52 8.23
C LEU A 17 1.80 -9.28 9.50
N HIS A 18 0.48 -9.45 9.42
CA HIS A 18 -0.39 -9.22 10.57
C HIS A 18 -0.26 -7.76 11.02
N ALA A 19 -0.37 -6.87 10.06
CA ALA A 19 -0.26 -5.45 10.30
C ALA A 19 -0.74 -4.66 9.10
N CYS A 20 -1.59 -3.70 9.35
CA CYS A 20 -2.07 -2.85 8.28
C CYS A 20 -0.91 -1.98 7.80
N ILE A 21 -0.42 -2.31 6.62
CA ILE A 21 0.72 -1.63 6.03
C ILE A 21 0.28 -0.59 5.01
N PRO A 22 0.94 0.59 4.97
CA PRO A 22 0.59 1.64 4.02
C PRO A 22 1.33 1.49 2.69
N CYS A 23 0.60 1.70 1.60
CA CYS A 23 1.18 1.58 0.26
C CYS A 23 2.39 2.50 0.09
N GLN A 24 2.32 3.69 0.65
CA GLN A 24 3.41 4.66 0.54
C GLN A 24 4.77 4.02 0.83
N LEU A 25 4.86 3.38 1.99
CA LEU A 25 6.09 2.73 2.41
C LEU A 25 6.43 1.53 1.52
N ARG A 26 5.50 1.13 0.65
CA ARG A 26 5.74 -0.01 -0.23
C ARG A 26 5.70 0.40 -1.71
N CYS A 27 5.42 1.66 -1.94
CA CYS A 27 5.35 2.18 -3.31
C CYS A 27 6.78 2.30 -3.88
N SER A 28 7.21 3.52 -4.25
CA SER A 28 8.54 3.76 -4.77
C SER A 28 8.97 2.70 -5.78
N SER A 29 8.00 2.06 -6.42
CA SER A 29 8.28 1.03 -7.42
C SER A 29 9.08 -0.12 -6.81
N ASN A 30 8.94 -1.27 -7.44
CA ASN A 30 9.64 -2.50 -7.03
C ASN A 30 9.01 -3.08 -5.76
N THR A 31 7.70 -3.31 -5.82
CA THR A 31 6.95 -3.86 -4.71
C THR A 31 5.54 -4.25 -5.16
N PRO A 32 5.38 -5.39 -5.89
CA PRO A 32 4.08 -5.85 -6.39
C PRO A 32 2.90 -5.44 -5.50
N PRO A 33 2.33 -4.26 -5.76
CA PRO A 33 1.21 -3.72 -5.02
C PRO A 33 -0.12 -4.04 -5.65
N LEU A 34 -0.63 -5.24 -5.40
CA LEU A 34 -1.91 -5.63 -5.97
C LEU A 34 -3.04 -4.82 -5.35
N THR A 35 -3.06 -4.71 -4.02
CA THR A 35 -4.09 -3.92 -3.36
C THR A 35 -3.60 -2.48 -3.19
N CYS A 36 -2.41 -2.18 -3.73
CA CYS A 36 -1.86 -0.83 -3.62
C CYS A 36 -1.42 -0.26 -4.96
N GLN A 37 -1.56 -1.04 -6.03
CA GLN A 37 -1.15 -0.58 -7.36
C GLN A 37 -1.70 0.81 -7.66
N ARG A 38 -3.02 0.92 -7.59
CA ARG A 38 -3.71 2.19 -7.87
C ARG A 38 -3.23 3.29 -6.91
N TYR A 39 -2.93 2.92 -5.67
CA TYR A 39 -2.49 3.90 -4.70
C TYR A 39 -1.04 4.31 -4.93
N CYS A 40 -0.20 3.35 -5.27
CA CYS A 40 1.21 3.65 -5.53
C CYS A 40 1.34 4.79 -6.54
N ASN A 41 0.34 4.91 -7.41
CA ASN A 41 0.33 5.96 -8.41
C ASN A 41 0.18 7.32 -7.74
N ALA A 42 -0.41 7.30 -6.56
CA ALA A 42 -0.60 8.50 -5.78
C ALA A 42 0.47 8.66 -4.71
N SER A 43 1.61 8.03 -4.96
CA SER A 43 2.74 8.07 -4.06
C SER A 43 3.98 8.55 -4.79
N VAL A 44 4.25 7.95 -5.95
CA VAL A 44 5.42 8.31 -6.76
C VAL A 44 5.31 7.75 -8.16
N THR A 45 4.25 8.12 -8.88
CA THR A 45 4.02 7.65 -10.24
C THR A 45 4.32 6.15 -10.38
N ASN A 46 5.26 5.78 -11.25
CA ASN A 46 5.62 4.39 -11.46
C ASN A 46 4.39 3.54 -11.78
N SER A 47 4.62 2.26 -12.06
CA SER A 47 3.53 1.34 -12.38
C SER A 47 3.01 1.62 -13.80
N VAL A 48 2.69 0.54 -14.52
CA VAL A 48 2.19 0.64 -15.88
C VAL A 48 3.16 1.39 -16.77
N LYS A 49 3.96 0.60 -17.46
CA LYS A 49 4.98 1.12 -18.38
C LYS A 49 6.15 1.71 -17.60
N CY1 A 50 5.92 2.85 -16.95
CA CY1 A 50 6.95 3.51 -16.16
CB CY1 A 50 7.03 5.00 -16.54
SG CY1 A 50 7.29 5.26 -18.30
CD CY1 A 50 6.51 6.85 -18.58
NE CY1 A 50 5.14 6.66 -19.06
CZ CY1 A 50 4.72 7.00 -20.28
OAC CY1 A 50 5.44 7.52 -21.13
CM CY1 A 50 3.26 6.72 -20.58
C CY1 A 50 6.68 3.37 -14.67
O CY1 A 50 5.56 3.57 -14.22
H CY1 A 50 5.03 3.24 -16.99
HA CY1 A 50 7.90 3.04 -16.39
HB2 CY1 A 50 6.11 5.48 -16.26
HB3 CY1 A 50 7.85 5.46 -16.00
HD2 CY1 A 50 6.50 7.19 -17.55
HD3 CY1 A 50 7.12 7.20 -19.39
HE CY1 A 50 4.45 6.45 -18.40
HM1 CY1 A 50 3.17 5.75 -21.04
HM2 CY1 A 50 2.88 7.50 -21.23
HM3 CY1 A 50 2.69 6.74 -19.67
N NH2 A 51 7.70 3.01 -13.90
HN1 NH2 A 51 8.57 2.86 -14.32
HN2 NH2 A 51 7.54 2.91 -12.93
N LEU A 1 -13.09 -6.60 12.93
CA LEU A 1 -13.13 -7.04 14.35
C LEU A 1 -11.79 -6.82 15.04
N GLN A 2 -10.72 -7.16 14.34
CA GLN A 2 -9.37 -7.00 14.89
C GLN A 2 -8.46 -6.27 13.92
N MET A 3 -8.03 -5.07 14.31
CA MET A 3 -7.15 -4.25 13.48
C MET A 3 -7.88 -3.66 12.27
N ALA A 4 -9.11 -4.07 12.07
CA ALA A 4 -9.90 -3.58 10.95
C ALA A 4 -10.75 -2.38 11.38
N GLY A 5 -10.09 -1.26 11.67
CA GLY A 5 -10.79 -0.06 12.08
C GLY A 5 -9.88 0.95 12.76
N GLN A 6 -8.64 1.02 12.29
CA GLN A 6 -7.66 1.95 12.83
C GLN A 6 -6.33 1.78 12.12
N CYS A 7 -6.32 2.20 10.87
CA CYS A 7 -5.14 2.10 10.02
C CYS A 7 -4.95 3.36 9.18
N SER A 8 -3.70 3.76 8.98
CA SER A 8 -3.40 4.92 8.17
C SER A 8 -4.13 4.81 6.84
N GLN A 9 -4.55 5.94 6.29
CA GLN A 9 -5.29 5.93 5.04
C GLN A 9 -4.63 5.05 3.99
N ASN A 10 -5.45 4.19 3.40
CA ASN A 10 -5.02 3.28 2.37
C ASN A 10 -3.94 2.33 2.87
N GLU A 11 -4.00 1.99 4.15
CA GLU A 11 -3.02 1.07 4.70
C GLU A 11 -3.32 -0.35 4.24
N TYR A 12 -2.28 -1.15 4.03
CA TYR A 12 -2.51 -2.53 3.57
C TYR A 12 -2.18 -3.54 4.65
N PHE A 13 -3.21 -4.28 5.05
CA PHE A 13 -3.09 -5.29 6.09
C PHE A 13 -2.62 -6.63 5.51
N ASP A 14 -1.31 -6.86 5.58
CA ASP A 14 -0.75 -8.10 5.07
C ASP A 14 -1.19 -9.27 5.92
N SER A 15 -2.18 -10.02 5.45
CA SER A 15 -2.69 -11.16 6.18
C SER A 15 -1.56 -12.07 6.64
N LEU A 16 -0.42 -11.99 5.94
CA LEU A 16 0.74 -12.80 6.29
C LEU A 16 1.53 -12.15 7.41
N LEU A 17 1.43 -10.82 7.49
CA LEU A 17 2.14 -10.05 8.51
C LEU A 17 1.22 -9.65 9.66
N HIS A 18 -0.09 -9.64 9.41
CA HIS A 18 -1.06 -9.24 10.43
C HIS A 18 -0.79 -7.81 10.85
N ALA A 19 -0.70 -6.94 9.87
CA ALA A 19 -0.43 -5.54 10.09
C ALA A 19 -0.75 -4.74 8.85
N CYS A 20 -1.42 -3.63 9.06
CA CYS A 20 -1.76 -2.75 7.96
C CYS A 20 -0.60 -1.77 7.73
N ILE A 21 0.07 -1.95 6.61
CA ILE A 21 1.23 -1.13 6.23
C ILE A 21 0.87 -0.12 5.15
N PRO A 22 1.45 1.09 5.21
CA PRO A 22 1.18 2.12 4.21
C PRO A 22 1.85 1.81 2.88
N CYS A 23 1.07 1.91 1.81
CA CYS A 23 1.57 1.62 0.46
C CYS A 23 2.75 2.51 0.11
N GLN A 24 2.74 3.75 0.61
CA GLN A 24 3.83 4.70 0.33
C GLN A 24 5.18 4.06 0.57
N LEU A 25 5.27 3.31 1.65
CA LEU A 25 6.50 2.65 2.03
C LEU A 25 6.89 1.56 1.03
N ARG A 26 5.96 1.18 0.15
CA ARG A 26 6.24 0.15 -0.84
C ARG A 26 6.06 0.65 -2.27
N CYS A 27 5.63 1.89 -2.40
CA CYS A 27 5.43 2.49 -3.71
C CYS A 27 6.76 2.88 -4.34
N SER A 28 7.81 2.98 -3.51
CA SER A 28 9.12 3.35 -3.98
C SER A 28 9.87 2.16 -4.60
N SER A 29 9.14 1.09 -4.88
CA SER A 29 9.73 -0.09 -5.48
C SER A 29 9.38 -0.16 -6.94
N ASN A 30 9.66 -1.30 -7.54
CA ASN A 30 9.38 -1.52 -8.94
C ASN A 30 7.88 -1.46 -9.17
N THR A 31 7.19 -2.45 -8.62
CA THR A 31 5.74 -2.53 -8.72
C THR A 31 5.16 -3.65 -7.86
N PRO A 32 5.27 -3.55 -6.51
CA PRO A 32 4.76 -4.56 -5.61
C PRO A 32 3.45 -4.19 -4.88
N PRO A 33 2.64 -3.25 -5.40
CA PRO A 33 1.39 -2.84 -4.76
C PRO A 33 0.18 -3.54 -5.34
N LEU A 34 -0.09 -4.75 -4.88
CA LEU A 34 -1.26 -5.47 -5.39
C LEU A 34 -2.55 -4.82 -4.91
N THR A 35 -2.66 -4.56 -3.61
CA THR A 35 -3.84 -3.90 -3.08
C THR A 35 -3.60 -2.40 -3.06
N CYS A 36 -2.48 -1.95 -3.62
CA CYS A 36 -2.15 -0.53 -3.64
C CYS A 36 -1.83 -0.03 -5.04
N GLN A 37 -1.84 -0.92 -6.03
CA GLN A 37 -1.55 -0.52 -7.41
C GLN A 37 -2.33 0.72 -7.82
N ARG A 38 -3.48 0.92 -7.18
CA ARG A 38 -4.31 2.08 -7.47
C ARG A 38 -3.78 3.30 -6.72
N TYR A 39 -3.25 3.07 -5.53
CA TYR A 39 -2.71 4.14 -4.70
C TYR A 39 -1.30 4.52 -5.12
N CYS A 40 -0.46 3.53 -5.38
CA CYS A 40 0.91 3.80 -5.78
C CYS A 40 0.91 4.57 -7.10
N ASN A 41 0.03 4.17 -8.01
CA ASN A 41 -0.06 4.84 -9.30
C ASN A 41 -0.72 6.20 -9.13
N ALA A 42 -1.34 6.40 -7.96
CA ALA A 42 -1.99 7.67 -7.66
C ALA A 42 -1.25 8.37 -6.51
N SER A 43 0.03 8.06 -6.39
CA SER A 43 0.87 8.63 -5.35
C SER A 43 2.17 9.15 -5.95
N VAL A 44 2.70 8.43 -6.94
CA VAL A 44 3.94 8.82 -7.59
C VAL A 44 5.09 8.87 -6.59
N THR A 45 5.34 7.73 -5.94
CA THR A 45 6.42 7.61 -4.96
C THR A 45 6.06 8.30 -3.63
N ASN A 46 5.02 9.14 -3.65
CA ASN A 46 4.59 9.85 -2.45
C ASN A 46 5.69 10.77 -1.93
N SER A 47 6.46 11.34 -2.86
CA SER A 47 7.54 12.25 -2.52
C SER A 47 8.55 11.61 -1.58
N VAL A 48 9.81 11.58 -2.00
CA VAL A 48 10.90 11.01 -1.21
C VAL A 48 12.19 11.01 -2.01
N LYS A 49 12.99 12.01 -1.77
CA LYS A 49 14.29 12.16 -2.45
C LYS A 49 14.09 12.29 -3.96
N CY1 A 50 14.81 13.24 -4.56
CA CY1 A 50 14.72 13.47 -5.99
CB CY1 A 50 13.37 14.10 -6.35
SG CY1 A 50 12.62 13.35 -7.81
CD CY1 A 50 11.50 14.64 -8.38
NE CY1 A 50 10.90 15.32 -7.24
CZ CY1 A 50 9.61 15.27 -6.94
OAC CY1 A 50 8.77 14.64 -7.59
CM CY1 A 50 9.18 16.07 -5.72
C CY1 A 50 15.86 14.37 -6.47
O CY1 A 50 15.91 15.55 -6.13
H CY1 A 50 15.41 13.79 -4.02
HA CY1 A 50 14.80 12.51 -6.49
HB2 CY1 A 50 12.71 13.98 -5.51
HB3 CY1 A 50 13.52 15.15 -6.54
HD2 CY1 A 50 12.45 15.11 -8.63
HD3 CY1 A 50 10.88 14.75 -9.25
HE CY1 A 50 11.44 15.97 -6.74
HM1 CY1 A 50 8.52 16.86 -6.03
HM2 CY1 A 50 10.07 16.46 -5.23
HM3 CY1 A 50 8.66 15.42 -5.03
N NH2 A 51 16.79 13.82 -7.25
HN1 NH2 A 51 16.69 12.87 -7.49
HN2 NH2 A 51 17.51 14.39 -7.56
N LEU A 1 -12.31 -11.89 3.69
CA LEU A 1 -11.64 -12.27 4.96
C LEU A 1 -10.53 -11.27 5.31
N GLN A 2 -9.92 -10.68 4.27
CA GLN A 2 -8.85 -9.72 4.48
C GLN A 2 -9.42 -8.33 4.78
N MET A 3 -9.08 -7.79 5.95
CA MET A 3 -9.54 -6.48 6.37
C MET A 3 -9.51 -6.41 7.88
N ALA A 4 -8.66 -5.55 8.38
CA ALA A 4 -8.50 -5.36 9.81
C ALA A 4 -9.45 -4.27 10.32
N GLY A 5 -10.71 -4.66 10.56
CA GLY A 5 -11.70 -3.70 11.06
C GLY A 5 -11.66 -2.38 10.32
N GLN A 6 -11.25 -2.41 9.05
CA GLN A 6 -11.16 -1.20 8.23
C GLN A 6 -9.83 -0.51 8.45
N CYS A 7 -8.79 -1.13 7.92
CA CYS A 7 -7.42 -0.61 8.03
C CYS A 7 -7.39 0.91 7.87
N SER A 8 -6.52 1.57 8.62
CA SER A 8 -6.37 3.01 8.52
C SER A 8 -6.07 3.39 7.08
N GLN A 9 -6.47 4.59 6.69
CA GLN A 9 -6.24 5.03 5.32
C GLN A 9 -4.81 4.80 4.89
N ASN A 10 -4.67 4.25 3.69
CA ASN A 10 -3.36 3.95 3.11
C ASN A 10 -2.66 2.84 3.88
N GLU A 11 -3.46 1.95 4.47
CA GLU A 11 -2.88 0.83 5.22
C GLU A 11 -3.40 -0.50 4.71
N TYR A 12 -2.54 -1.52 4.71
CA TYR A 12 -2.94 -2.85 4.24
C TYR A 12 -2.64 -3.93 5.26
N PHE A 13 -3.68 -4.65 5.66
CA PHE A 13 -3.56 -5.73 6.63
C PHE A 13 -2.82 -6.93 6.05
N ASP A 14 -1.52 -6.99 6.28
CA ASP A 14 -0.73 -8.11 5.79
C ASP A 14 -1.11 -9.37 6.52
N SER A 15 -1.93 -10.20 5.87
CA SER A 15 -2.38 -11.45 6.47
C SER A 15 -1.20 -12.25 7.02
N LEU A 16 -0.01 -11.98 6.50
CA LEU A 16 1.19 -12.67 6.95
C LEU A 16 1.75 -11.99 8.20
N LEU A 17 1.44 -10.71 8.36
CA LEU A 17 1.92 -9.94 9.49
C LEU A 17 0.82 -9.73 10.54
N HIS A 18 -0.44 -9.81 10.10
CA HIS A 18 -1.57 -9.60 11.01
C HIS A 18 -1.51 -8.18 11.54
N ALA A 19 -1.45 -7.24 10.62
CA ALA A 19 -1.39 -5.84 10.96
C ALA A 19 -1.49 -4.99 9.71
N CYS A 20 -2.22 -3.91 9.83
CA CYS A 20 -2.36 -2.98 8.73
C CYS A 20 -1.01 -2.30 8.48
N ILE A 21 -0.35 -2.71 7.42
CA ILE A 21 0.95 -2.19 7.03
C ILE A 21 0.80 -1.13 5.97
N PRO A 22 1.56 -0.02 6.04
CA PRO A 22 1.46 1.03 5.03
C PRO A 22 1.92 0.55 3.66
N CYS A 23 1.60 1.31 2.61
CA CYS A 23 1.98 0.94 1.25
C CYS A 23 2.70 2.08 0.53
N GLN A 24 2.43 3.31 0.94
CA GLN A 24 3.06 4.48 0.33
C GLN A 24 4.58 4.34 0.38
N LEU A 25 5.07 3.93 1.52
CA LEU A 25 6.50 3.73 1.72
C LEU A 25 7.02 2.53 0.92
N ARG A 26 6.09 1.77 0.32
CA ARG A 26 6.46 0.60 -0.46
C ARG A 26 6.30 0.85 -1.96
N CYS A 27 5.75 2.01 -2.29
CA CYS A 27 5.55 2.39 -3.69
C CYS A 27 6.90 2.70 -4.35
N SER A 28 7.28 3.98 -4.35
CA SER A 28 8.55 4.42 -4.93
C SER A 28 8.86 3.70 -6.24
N SER A 29 7.81 3.32 -6.95
CA SER A 29 7.95 2.63 -8.23
C SER A 29 8.71 1.32 -8.06
N ASN A 30 8.36 0.35 -8.89
CA ASN A 30 8.99 -0.97 -8.86
C ASN A 30 8.55 -1.75 -7.63
N THR A 31 7.23 -1.90 -7.48
CA THR A 31 6.66 -2.62 -6.36
C THR A 31 5.18 -2.93 -6.62
N PRO A 32 4.89 -3.77 -7.64
CA PRO A 32 3.52 -4.15 -8.01
C PRO A 32 2.59 -4.29 -6.80
N PRO A 33 1.89 -3.21 -6.43
CA PRO A 33 0.95 -3.18 -5.32
C PRO A 33 -0.46 -3.51 -5.75
N LEU A 34 -0.80 -4.79 -5.78
CA LEU A 34 -2.14 -5.17 -6.18
C LEU A 34 -3.16 -4.40 -5.35
N THR A 35 -2.87 -4.26 -4.07
CA THR A 35 -3.75 -3.52 -3.18
C THR A 35 -3.41 -2.04 -3.18
N CYS A 36 -2.35 -1.64 -3.90
CA CYS A 36 -1.96 -0.22 -3.94
C CYS A 36 -1.49 0.25 -5.32
N GLN A 37 -1.61 -0.59 -6.33
CA GLN A 37 -1.18 -0.24 -7.68
C GLN A 37 -1.72 1.12 -8.09
N ARG A 38 -3.01 1.28 -7.91
CA ARG A 38 -3.69 2.51 -8.26
C ARG A 38 -3.12 3.69 -7.47
N TYR A 39 -2.88 3.48 -6.18
CA TYR A 39 -2.34 4.52 -5.33
C TYR A 39 -0.87 4.78 -5.64
N CYS A 40 -0.09 3.72 -5.78
CA CYS A 40 1.32 3.87 -6.09
C CYS A 40 1.49 4.63 -7.39
N ASN A 41 0.62 4.35 -8.35
CA ASN A 41 0.67 5.04 -9.63
C ASN A 41 0.30 6.51 -9.45
N ALA A 42 -0.35 6.80 -8.32
CA ALA A 42 -0.73 8.16 -8.00
C ALA A 42 0.22 8.75 -6.97
N SER A 43 1.42 8.18 -6.91
CA SER A 43 2.45 8.64 -5.99
C SER A 43 3.84 8.50 -6.61
N VAL A 44 3.90 8.26 -7.92
CA VAL A 44 5.18 8.12 -8.62
C VAL A 44 5.02 8.45 -10.10
N THR A 45 4.67 9.70 -10.38
CA THR A 45 4.50 10.15 -11.75
C THR A 45 3.34 9.43 -12.42
N ASN A 46 2.97 9.87 -13.62
CA ASN A 46 1.87 9.27 -14.37
C ASN A 46 0.53 9.70 -13.79
N SER A 47 -0.48 9.84 -14.66
CA SER A 47 -1.80 10.24 -14.24
C SER A 47 -1.76 11.59 -13.51
N VAL A 48 -1.62 12.66 -14.29
CA VAL A 48 -1.54 14.01 -13.76
C VAL A 48 -0.49 14.11 -12.68
N LYS A 49 0.68 14.52 -13.11
CA LYS A 49 1.85 14.69 -12.25
C LYS A 49 1.46 15.15 -10.85
N CY1 A 50 1.12 16.42 -10.73
CA CY1 A 50 0.73 16.99 -9.44
CB CY1 A 50 1.48 18.30 -9.17
SG CY1 A 50 1.18 19.52 -10.47
CD CY1 A 50 2.49 20.73 -10.15
NE CY1 A 50 1.92 21.97 -9.62
CZ CY1 A 50 2.65 22.97 -9.12
OAC CY1 A 50 3.88 22.97 -9.06
CM CY1 A 50 1.86 24.16 -8.63
C CY1 A 50 -0.77 17.24 -9.39
O CY1 A 50 -1.23 18.17 -8.73
H CY1 A 50 1.13 17.00 -11.51
HA CY1 A 50 1.00 16.28 -8.67
HB2 CY1 A 50 1.16 18.71 -8.23
HB3 CY1 A 50 2.54 18.09 -9.14
HD2 CY1 A 50 3.09 20.24 -9.39
HD3 CY1 A 50 2.48 20.75 -11.23
HE CY1 A 50 0.95 22.04 -9.58
HM1 CY1 A 50 0.86 24.14 -9.06
HM2 CY1 A 50 2.39 25.07 -8.89
HM3 CY1 A 50 1.76 24.12 -7.56
N NH2 A 51 -1.55 16.40 -10.07
HN1 NH2 A 51 -1.13 15.68 -10.57
HN2 NH2 A 51 -2.52 16.56 -10.04
N LEU A 1 -12.32 -5.59 5.09
CA LEU A 1 -13.36 -6.38 5.81
C LEU A 1 -12.92 -6.70 7.24
N GLN A 2 -11.62 -6.82 7.43
CA GLN A 2 -11.06 -7.13 8.74
C GLN A 2 -10.06 -6.06 9.19
N MET A 3 -10.36 -5.41 10.32
CA MET A 3 -9.49 -4.37 10.86
C MET A 3 -9.63 -3.06 10.11
N ALA A 4 -10.41 -3.07 9.04
CA ALA A 4 -10.63 -1.87 8.24
C ALA A 4 -11.50 -0.86 8.99
N GLY A 5 -11.01 -0.39 10.14
CA GLY A 5 -11.74 0.57 10.93
C GLY A 5 -10.92 1.15 12.07
N GLN A 6 -9.59 1.04 11.94
CA GLN A 6 -8.67 1.56 12.94
C GLN A 6 -7.25 1.37 12.46
N CYS A 7 -6.91 2.11 11.42
CA CYS A 7 -5.59 2.04 10.82
C CYS A 7 -5.19 3.39 10.23
N SER A 8 -3.90 3.72 10.30
CA SER A 8 -3.42 4.97 9.74
C SER A 8 -3.94 5.13 8.33
N GLN A 9 -4.30 6.34 7.96
CA GLN A 9 -4.86 6.59 6.64
C GLN A 9 -4.09 5.90 5.53
N ASN A 10 -4.85 5.21 4.70
CA ASN A 10 -4.31 4.47 3.57
C ASN A 10 -3.42 3.33 4.03
N GLU A 11 -3.74 2.74 5.18
CA GLU A 11 -2.93 1.61 5.64
C GLU A 11 -3.35 0.34 4.94
N TYR A 12 -2.38 -0.51 4.62
CA TYR A 12 -2.71 -1.76 3.91
C TYR A 12 -2.44 -2.99 4.78
N PHE A 13 -3.52 -3.74 4.99
CA PHE A 13 -3.50 -4.95 5.81
C PHE A 13 -2.87 -6.13 5.08
N ASP A 14 -1.69 -6.56 5.52
CA ASP A 14 -1.02 -7.70 4.92
C ASP A 14 -1.58 -8.98 5.50
N SER A 15 -2.47 -9.63 4.78
CA SER A 15 -3.07 -10.88 5.25
C SER A 15 -1.98 -11.85 5.73
N LEU A 16 -0.77 -11.67 5.23
CA LEU A 16 0.34 -12.53 5.63
C LEU A 16 0.97 -12.04 6.92
N LEU A 17 0.85 -10.74 7.18
CA LEU A 17 1.42 -10.14 8.38
C LEU A 17 0.34 -9.78 9.41
N HIS A 18 -0.92 -9.70 8.97
CA HIS A 18 -2.00 -9.33 9.87
C HIS A 18 -1.73 -7.97 10.49
N ALA A 19 -1.23 -7.05 9.67
CA ALA A 19 -0.90 -5.71 10.11
C ALA A 19 -1.10 -4.71 9.00
N CYS A 20 -2.05 -3.81 9.20
CA CYS A 20 -2.29 -2.77 8.23
C CYS A 20 -1.09 -1.82 8.21
N ILE A 21 -0.33 -1.91 7.13
CA ILE A 21 0.88 -1.12 6.96
C ILE A 21 0.69 -0.03 5.92
N PRO A 22 1.28 1.16 6.13
CA PRO A 22 1.17 2.26 5.19
C PRO A 22 1.35 1.82 3.75
N CYS A 23 0.99 2.69 2.81
CA CYS A 23 1.10 2.38 1.38
C CYS A 23 2.15 3.25 0.69
N GLN A 24 2.41 4.41 1.25
CA GLN A 24 3.41 5.33 0.68
C GLN A 24 4.78 4.70 0.76
N LEU A 25 5.03 4.01 1.87
CA LEU A 25 6.29 3.34 2.10
C LEU A 25 6.43 2.08 1.24
N ARG A 26 5.46 1.86 0.35
CA ARG A 26 5.51 0.69 -0.53
C ARG A 26 5.51 1.07 -2.01
N CYS A 27 5.34 2.36 -2.27
CA CYS A 27 5.34 2.86 -3.64
C CYS A 27 6.65 3.58 -3.96
N SER A 28 7.64 2.83 -4.42
CA SER A 28 8.92 3.39 -4.76
C SER A 28 9.57 2.68 -5.94
N SER A 29 8.74 2.21 -6.87
CA SER A 29 9.23 1.51 -8.05
C SER A 29 10.01 0.26 -7.67
N ASN A 30 9.92 -0.75 -8.53
CA ASN A 30 10.61 -2.01 -8.31
C ASN A 30 10.10 -2.68 -7.04
N THR A 31 8.78 -2.78 -6.93
CA THR A 31 8.15 -3.39 -5.78
C THR A 31 6.68 -3.68 -6.06
N PRO A 32 6.38 -4.70 -6.90
CA PRO A 32 5.01 -5.07 -7.26
C PRO A 32 4.02 -4.92 -6.09
N PRO A 33 3.37 -3.75 -6.00
CA PRO A 33 2.40 -3.44 -4.96
C PRO A 33 1.01 -3.95 -5.28
N LEU A 34 0.74 -5.21 -4.95
CA LEU A 34 -0.57 -5.77 -5.23
C LEU A 34 -1.62 -5.08 -4.37
N THR A 35 -1.33 -4.91 -3.09
CA THR A 35 -2.24 -4.24 -2.20
C THR A 35 -2.01 -2.72 -2.23
N CYS A 36 -1.03 -2.28 -3.02
CA CYS A 36 -0.75 -0.84 -3.11
C CYS A 36 -0.94 -0.29 -4.52
N GLN A 37 -1.03 -1.18 -5.50
CA GLN A 37 -1.20 -0.76 -6.90
C GLN A 37 -2.12 0.44 -7.01
N ARG A 38 -3.29 0.30 -6.41
CA ARG A 38 -4.29 1.36 -6.43
C ARG A 38 -3.72 2.66 -5.85
N TYR A 39 -2.95 2.52 -4.77
CA TYR A 39 -2.36 3.68 -4.12
C TYR A 39 -1.13 4.18 -4.85
N CYS A 40 -0.23 3.27 -5.20
CA CYS A 40 0.99 3.67 -5.90
C CYS A 40 0.64 4.35 -7.21
N ASN A 41 -0.34 3.81 -7.93
CA ASN A 41 -0.77 4.40 -9.18
C ASN A 41 -1.48 5.73 -8.92
N ALA A 42 -1.91 5.91 -7.67
CA ALA A 42 -2.58 7.13 -7.26
C ALA A 42 -1.66 7.95 -6.37
N SER A 43 -0.36 7.75 -6.55
CA SER A 43 0.65 8.47 -5.78
C SER A 43 1.94 8.64 -6.57
N VAL A 44 1.92 8.29 -7.85
CA VAL A 44 3.10 8.42 -8.69
C VAL A 44 2.74 8.43 -10.18
N THR A 45 1.87 9.36 -10.55
CA THR A 45 1.43 9.50 -11.94
C THR A 45 1.12 8.13 -12.56
N ASN A 46 1.25 8.04 -13.88
CA ASN A 46 0.99 6.79 -14.60
C ASN A 46 -0.51 6.49 -14.63
N SER A 47 -0.97 5.89 -15.71
CA SER A 47 -2.38 5.53 -15.86
C SER A 47 -3.28 6.74 -15.56
N VAL A 48 -3.65 7.48 -16.61
CA VAL A 48 -4.50 8.65 -16.48
C VAL A 48 -4.50 9.44 -17.78
N LYS A 49 -5.55 9.25 -18.55
CA LYS A 49 -5.71 9.93 -19.83
C LYS A 49 -4.60 9.54 -20.80
N CY1 A 50 0.86 11.45 -17.29
CA CY1 A 50 1.69 10.89 -18.38
CB CY1 A 50 0.85 10.09 -19.39
SG CY1 A 50 1.87 8.90 -20.32
CD CY1 A 50 1.83 9.59 -22.01
NE CY1 A 50 2.93 8.99 -22.76
CZ CY1 A 50 2.78 7.95 -23.59
OAC CY1 A 50 1.68 7.51 -23.84
CM CY1 A 50 4.04 7.35 -24.14
C CY1 A 50 2.54 11.96 -19.08
O CY1 A 50 2.18 13.09 -19.26
H CY1 A 50 0.03 11.95 -17.55
HA CY1 A 50 2.41 10.20 -17.93
HB2 CY1 A 50 0.32 10.77 -20.07
HB3 CY1 A 50 0.10 9.51 -18.84
HD2 CY1 A 50 1.98 10.68 -21.98
HD3 CY1 A 50 0.87 9.36 -22.50
HE CY1 A 50 3.86 9.28 -22.55
HM1 CY1 A 50 4.84 7.39 -23.40
HM2 CY1 A 50 4.35 7.91 -25.03
HM3 CY1 A 50 3.87 6.31 -24.41
N NH2 A 51 3.66 11.53 -19.64
HN1 NH2 A 51 3.95 10.57 -19.51
HN2 NH2 A 51 4.24 12.21 -20.09
N LEU A 1 -9.62 -9.42 -0.89
CA LEU A 1 -8.49 -10.26 -0.42
C LEU A 1 -7.90 -9.70 0.88
N GLN A 2 -7.59 -8.42 0.88
CA GLN A 2 -7.01 -7.76 2.04
C GLN A 2 -7.92 -6.64 2.54
N MET A 3 -7.98 -6.49 3.87
CA MET A 3 -8.79 -5.45 4.53
C MET A 3 -9.21 -5.87 5.93
N ALA A 4 -9.73 -7.09 6.06
CA ALA A 4 -10.17 -7.62 7.34
C ALA A 4 -9.23 -7.23 8.48
N GLY A 5 -9.67 -6.29 9.31
CA GLY A 5 -8.86 -5.85 10.44
C GLY A 5 -9.04 -4.38 10.75
N GLN A 6 -9.64 -3.63 9.82
CA GLN A 6 -9.85 -2.20 10.00
C GLN A 6 -8.53 -1.48 9.86
N CYS A 7 -8.01 -1.51 8.64
CA CYS A 7 -6.74 -0.88 8.32
C CYS A 7 -6.87 0.64 8.31
N SER A 8 -5.83 1.31 8.80
CA SER A 8 -5.82 2.76 8.82
C SER A 8 -5.90 3.27 7.39
N GLN A 9 -6.37 4.49 7.23
CA GLN A 9 -6.52 5.06 5.91
C GLN A 9 -5.24 4.95 5.10
N ASN A 10 -5.39 4.43 3.88
CA ASN A 10 -4.27 4.25 2.96
C ASN A 10 -3.28 3.22 3.49
N GLU A 11 -3.77 2.28 4.27
CA GLU A 11 -2.89 1.23 4.80
C GLU A 11 -3.09 -0.07 4.06
N TYR A 12 -2.01 -0.84 3.90
CA TYR A 12 -2.11 -2.11 3.18
C TYR A 12 -1.86 -3.29 4.10
N PHE A 13 -2.85 -4.17 4.13
CA PHE A 13 -2.81 -5.36 4.98
C PHE A 13 -2.00 -6.46 4.30
N ASP A 14 -0.77 -6.63 4.74
CA ASP A 14 0.08 -7.67 4.16
C ASP A 14 -0.23 -9.01 4.81
N SER A 15 -1.05 -9.81 4.12
CA SER A 15 -1.44 -11.13 4.62
C SER A 15 -0.21 -11.91 5.08
N LEU A 16 0.95 -11.57 4.54
CA LEU A 16 2.19 -12.24 4.90
C LEU A 16 2.73 -11.67 6.21
N LEU A 17 2.41 -10.42 6.49
CA LEU A 17 2.86 -9.75 7.70
C LEU A 17 1.77 -9.71 8.77
N HIS A 18 0.51 -9.80 8.35
CA HIS A 18 -0.61 -9.75 9.28
C HIS A 18 -0.63 -8.39 9.98
N ALA A 19 -0.64 -7.35 9.17
CA ALA A 19 -0.64 -6.01 9.65
C ALA A 19 -0.91 -5.05 8.51
N CYS A 20 -1.64 -4.01 8.81
CA CYS A 20 -1.93 -2.99 7.84
C CYS A 20 -0.79 -1.97 7.83
N ILE A 21 -0.03 -1.97 6.75
CA ILE A 21 1.12 -1.09 6.61
C ILE A 21 0.88 -0.01 5.56
N PRO A 22 1.42 1.20 5.78
CA PRO A 22 1.26 2.29 4.82
C PRO A 22 1.79 1.90 3.43
N CYS A 23 1.03 2.25 2.41
CA CYS A 23 1.41 1.92 1.03
C CYS A 23 2.58 2.78 0.55
N GLN A 24 2.70 3.98 1.10
CA GLN A 24 3.78 4.89 0.70
C GLN A 24 5.14 4.31 1.09
N LEU A 25 5.24 3.90 2.34
CA LEU A 25 6.47 3.33 2.85
C LEU A 25 6.72 1.93 2.30
N ARG A 26 5.77 1.41 1.51
CA ARG A 26 5.92 0.08 0.94
C ARG A 26 5.71 0.07 -0.58
N CYS A 27 5.48 1.24 -1.14
CA CYS A 27 5.25 1.40 -2.60
C CYS A 27 6.15 0.47 -3.43
N SER A 28 7.33 0.13 -2.89
CA SER A 28 8.25 -0.73 -3.60
C SER A 28 8.91 -1.72 -2.65
N SER A 29 8.09 -2.46 -1.92
CA SER A 29 8.60 -3.46 -0.98
C SER A 29 7.45 -4.33 -0.46
N ASN A 30 7.76 -5.57 -0.15
CA ASN A 30 6.78 -6.51 0.36
C ASN A 30 5.56 -6.60 -0.55
N THR A 31 5.76 -6.23 -1.82
CA THR A 31 4.68 -6.26 -2.83
C THR A 31 3.30 -5.97 -2.24
N PRO A 32 2.91 -4.69 -2.13
CA PRO A 32 1.64 -4.28 -1.57
C PRO A 32 0.62 -3.85 -2.63
N PRO A 33 0.25 -4.75 -3.57
CA PRO A 33 -0.69 -4.42 -4.63
C PRO A 33 -2.15 -4.70 -4.29
N LEU A 34 -3.02 -4.33 -5.22
CA LEU A 34 -4.46 -4.49 -5.09
C LEU A 34 -5.01 -3.60 -3.98
N THR A 35 -4.39 -3.65 -2.82
CA THR A 35 -4.80 -2.82 -1.72
C THR A 35 -4.23 -1.41 -1.86
N CYS A 36 -3.41 -1.20 -2.90
CA CYS A 36 -2.81 0.11 -3.11
C CYS A 36 -1.99 0.17 -4.40
N GLN A 37 -2.41 -0.56 -5.43
CA GLN A 37 -1.70 -0.56 -6.70
C GLN A 37 -1.93 0.75 -7.46
N ARG A 38 -3.14 1.26 -7.34
CA ARG A 38 -3.49 2.51 -8.00
C ARG A 38 -2.93 3.69 -7.22
N TYR A 39 -3.02 3.60 -5.90
CA TYR A 39 -2.53 4.65 -5.03
C TYR A 39 -1.01 4.74 -5.04
N CYS A 40 -0.34 3.60 -5.16
CA CYS A 40 1.11 3.59 -5.19
C CYS A 40 1.62 4.42 -6.36
N ASN A 41 1.04 4.20 -7.53
CA ASN A 41 1.43 4.96 -8.71
C ASN A 41 1.10 6.42 -8.53
N ALA A 42 0.21 6.70 -7.59
CA ALA A 42 -0.18 8.07 -7.28
C ALA A 42 0.41 8.50 -5.96
N SER A 43 1.52 7.87 -5.61
CA SER A 43 2.22 8.17 -4.37
C SER A 43 3.59 7.49 -4.33
N VAL A 44 4.17 7.23 -5.50
CA VAL A 44 5.47 6.60 -5.59
C VAL A 44 6.51 7.60 -6.05
N THR A 45 6.45 8.77 -5.45
CA THR A 45 7.37 9.85 -5.77
C THR A 45 7.31 10.20 -7.25
N ASN A 46 7.95 11.31 -7.62
CA ASN A 46 7.97 11.76 -9.00
C ASN A 46 9.01 12.86 -9.20
N SER A 47 10.21 12.47 -9.62
CA SER A 47 11.29 13.43 -9.83
C SER A 47 11.66 14.13 -8.52
N VAL A 48 12.70 13.62 -7.87
CA VAL A 48 13.19 14.17 -6.61
C VAL A 48 14.16 13.22 -5.96
N LYS A 49 15.43 13.53 -6.11
CA LYS A 49 16.50 12.72 -5.55
C LYS A 49 16.52 11.33 -6.18
N CY1 A 50 17.03 11.28 -7.42
CA CY1 A 50 17.16 10.03 -8.16
CB CY1 A 50 17.05 10.34 -9.66
SG CY1 A 50 16.42 8.89 -10.54
CD CY1 A 50 15.53 9.66 -12.02
NE CY1 A 50 15.75 8.72 -13.13
CZ CY1 A 50 15.25 8.92 -14.35
OAC CY1 A 50 14.59 9.91 -14.60
CM CY1 A 50 15.56 7.86 -15.37
C CY1 A 50 18.43 9.26 -7.80
O CY1 A 50 19.42 9.78 -7.34
H CY1 A 50 17.55 12.08 -7.73
HA CY1 A 50 16.33 9.38 -7.88
HB2 CY1 A 50 18.03 10.63 -10.06
HB3 CY1 A 50 16.35 11.16 -9.81
HD2 CY1 A 50 15.74 10.71 -12.45
HD3 CY1 A 50 14.44 9.65 -11.81
HE CY1 A 50 16.28 7.90 -12.94
HM1 CY1 A 50 15.47 6.87 -14.93
HM2 CY1 A 50 16.58 7.99 -15.75
HM3 CY1 A 50 14.85 7.94 -16.20
N NH2 A 51 18.45 7.96 -8.05
HN1 NH2 A 51 17.68 7.50 -8.49
HN2 NH2 A 51 19.30 7.46 -7.82
N LEU A 1 -13.58 -5.46 8.86
CA LEU A 1 -12.84 -6.63 9.41
C LEU A 1 -12.06 -6.24 10.66
N GLN A 2 -11.27 -7.18 11.18
CA GLN A 2 -10.47 -6.94 12.37
C GLN A 2 -9.32 -5.99 12.08
N MET A 3 -9.14 -4.99 12.96
CA MET A 3 -8.09 -4.01 12.81
C MET A 3 -8.44 -2.93 11.79
N ALA A 4 -9.55 -3.13 11.10
CA ALA A 4 -9.98 -2.17 10.10
C ALA A 4 -10.66 -0.97 10.75
N GLY A 5 -9.90 -0.23 11.55
CA GLY A 5 -10.44 0.93 12.24
C GLY A 5 -9.42 1.63 13.12
N GLN A 6 -8.15 1.53 12.74
CA GLN A 6 -7.08 2.17 13.49
C GLN A 6 -5.75 1.92 12.81
N CYS A 7 -5.60 2.53 11.64
CA CYS A 7 -4.40 2.40 10.84
C CYS A 7 -4.12 3.68 10.06
N SER A 8 -2.85 4.04 9.93
CA SER A 8 -2.50 5.23 9.17
C SER A 8 -3.13 5.15 7.79
N GLN A 9 -3.62 6.26 7.30
CA GLN A 9 -4.28 6.30 6.00
C GLN A 9 -3.55 5.47 4.96
N ASN A 10 -4.34 4.65 4.28
CA ASN A 10 -3.85 3.78 3.23
C ASN A 10 -2.97 2.67 3.79
N GLU A 11 -3.27 2.22 4.99
CA GLU A 11 -2.50 1.13 5.57
C GLU A 11 -2.97 -0.20 5.01
N TYR A 12 -2.04 -1.12 4.78
CA TYR A 12 -2.41 -2.43 4.23
C TYR A 12 -2.30 -3.52 5.27
N PHE A 13 -3.44 -4.15 5.54
CA PHE A 13 -3.53 -5.22 6.52
C PHE A 13 -3.18 -6.57 5.91
N ASP A 14 -1.92 -6.96 6.06
CA ASP A 14 -1.46 -8.25 5.53
C ASP A 14 -2.06 -9.38 6.35
N SER A 15 -3.08 -10.03 5.81
CA SER A 15 -3.73 -11.14 6.50
C SER A 15 -2.70 -12.15 6.99
N LEU A 16 -1.54 -12.17 6.33
CA LEU A 16 -0.47 -13.08 6.70
C LEU A 16 0.35 -12.51 7.85
N LEU A 17 0.39 -11.19 7.93
CA LEU A 17 1.14 -10.49 8.98
C LEU A 17 0.21 -9.96 10.07
N HIS A 18 -1.10 -9.94 9.80
CA HIS A 18 -2.07 -9.43 10.76
C HIS A 18 -1.64 -8.08 11.29
N ALA A 19 -1.23 -7.24 10.37
CA ALA A 19 -0.75 -5.91 10.69
C ALA A 19 -0.97 -4.96 9.54
N CYS A 20 -1.84 -4.00 9.73
CA CYS A 20 -2.07 -2.99 8.71
C CYS A 20 -0.85 -2.10 8.61
N ILE A 21 -0.12 -2.27 7.51
CA ILE A 21 1.12 -1.55 7.28
C ILE A 21 1.04 -0.61 6.09
N PRO A 22 1.68 0.57 6.17
CA PRO A 22 1.68 1.53 5.08
C PRO A 22 2.06 0.87 3.75
N CYS A 23 1.83 1.58 2.64
CA CYS A 23 2.16 1.04 1.31
C CYS A 23 2.86 2.06 0.43
N GLN A 24 2.73 3.35 0.76
CA GLN A 24 3.36 4.41 -0.03
C GLN A 24 4.83 4.09 -0.27
N LEU A 25 5.50 3.69 0.79
CA LEU A 25 6.92 3.33 0.71
C LEU A 25 7.14 2.19 -0.28
N ARG A 26 6.07 1.45 -0.58
CA ARG A 26 6.16 0.33 -1.51
C ARG A 26 5.90 0.75 -2.95
N CYS A 27 5.53 2.01 -3.11
CA CYS A 27 5.25 2.55 -4.44
C CYS A 27 6.44 2.41 -5.38
N SER A 28 6.21 1.79 -6.53
CA SER A 28 7.23 1.59 -7.54
C SER A 28 8.55 1.11 -6.95
N SER A 29 8.47 0.41 -5.83
CA SER A 29 9.66 -0.12 -5.16
C SER A 29 9.28 -0.82 -3.87
N ASN A 30 10.06 -1.83 -3.52
CA ASN A 30 9.81 -2.59 -2.29
C ASN A 30 8.53 -3.41 -2.42
N THR A 31 8.53 -4.34 -3.38
CA THR A 31 7.38 -5.20 -3.62
C THR A 31 6.26 -4.41 -4.31
N PRO A 32 6.02 -4.67 -5.61
CA PRO A 32 4.98 -3.96 -6.37
C PRO A 32 3.65 -3.87 -5.64
N PRO A 33 3.14 -2.63 -5.41
CA PRO A 33 1.87 -2.41 -4.72
C PRO A 33 0.69 -2.89 -5.52
N LEU A 34 0.45 -4.19 -5.49
CA LEU A 34 -0.68 -4.76 -6.23
C LEU A 34 -1.99 -4.22 -5.65
N THR A 35 -2.11 -4.20 -4.33
CA THR A 35 -3.29 -3.69 -3.69
C THR A 35 -3.19 -2.18 -3.48
N CYS A 36 -2.06 -1.58 -3.89
CA CYS A 36 -1.87 -0.15 -3.71
C CYS A 36 -1.50 0.56 -5.01
N GLN A 37 -1.30 -0.20 -6.08
CA GLN A 37 -0.92 0.39 -7.37
C GLN A 37 -1.82 1.57 -7.71
N ARG A 38 -3.11 1.39 -7.52
CA ARG A 38 -4.09 2.43 -7.80
C ARG A 38 -3.82 3.69 -6.98
N TYR A 39 -3.64 3.52 -5.68
CA TYR A 39 -3.40 4.66 -4.83
C TYR A 39 -1.99 5.21 -5.00
N CYS A 40 -1.03 4.34 -5.21
CA CYS A 40 0.35 4.78 -5.41
C CYS A 40 0.38 5.87 -6.49
N ASN A 41 -0.57 5.78 -7.41
CA ASN A 41 -0.69 6.75 -8.48
C ASN A 41 -0.88 8.15 -7.92
N ALA A 42 -1.51 8.19 -6.76
CA ALA A 42 -1.76 9.45 -6.07
C ALA A 42 -0.76 9.64 -4.93
N SER A 43 0.43 9.09 -5.12
CA SER A 43 1.50 9.18 -4.12
C SER A 43 2.84 9.47 -4.78
N VAL A 44 2.97 9.13 -6.07
CA VAL A 44 4.20 9.37 -6.80
C VAL A 44 3.91 9.68 -8.27
N THR A 45 3.13 10.74 -8.49
CA THR A 45 2.77 11.16 -9.81
C THR A 45 1.90 12.41 -9.75
N ASN A 46 1.02 12.47 -8.76
CA ASN A 46 0.14 13.62 -8.59
C ASN A 46 0.93 14.92 -8.43
N SER A 47 0.24 15.98 -7.98
CA SER A 47 0.85 17.29 -7.76
C SER A 47 -0.07 18.39 -8.26
N VAL A 48 -0.11 19.50 -7.53
CA VAL A 48 -0.93 20.64 -7.87
C VAL A 48 -1.01 21.61 -6.70
N LYS A 49 -0.22 22.66 -6.79
CA LYS A 49 -0.14 23.70 -5.77
C LYS A 49 1.13 24.52 -5.91
N CY1 A 50 0.96 25.84 -6.01
CA CY1 A 50 2.10 26.74 -6.16
CB CY1 A 50 1.75 27.88 -7.12
SG CY1 A 50 1.66 27.35 -8.83
CD CY1 A 50 2.21 28.81 -9.72
NE CY1 A 50 3.50 29.26 -9.22
CZ CY1 A 50 3.89 30.53 -9.16
OAC CY1 A 50 3.19 31.47 -9.52
CM CY1 A 50 5.27 30.77 -8.61
C CY1 A 50 2.52 27.31 -4.80
O CY1 A 50 3.05 28.41 -4.73
H CY1 A 50 0.05 26.21 -5.99
HA CY1 A 50 2.93 26.18 -6.57
HB2 CY1 A 50 0.80 28.29 -6.83
HB3 CY1 A 50 2.50 28.65 -7.03
HD2 CY1 A 50 2.32 27.91 -10.31
HD3 CY1 A 50 1.86 29.48 -10.49
HE CY1 A 50 4.10 28.58 -8.85
HM1 CY1 A 50 5.61 31.76 -8.91
HM2 CY1 A 50 5.95 29.99 -8.99
HM3 CY1 A 50 5.27 30.71 -7.54
N NH2 A 51 2.30 26.56 -3.72
HN1 NH2 A 51 1.87 25.68 -3.86
HN2 NH2 A 51 2.56 26.91 -2.86
N LEU A 1 -9.46 -10.25 0.32
CA LEU A 1 -8.63 -11.10 1.22
C LEU A 1 -7.74 -10.25 2.12
N GLN A 2 -7.10 -9.25 1.53
CA GLN A 2 -6.22 -8.36 2.27
C GLN A 2 -6.74 -6.92 2.25
N MET A 3 -6.57 -6.22 3.37
CA MET A 3 -7.03 -4.81 3.50
C MET A 3 -8.52 -4.73 3.76
N ALA A 4 -9.21 -5.86 3.65
CA ALA A 4 -10.63 -5.92 3.88
C ALA A 4 -10.96 -6.14 5.35
N GLY A 5 -11.14 -5.05 6.10
CA GLY A 5 -11.46 -5.16 7.50
C GLY A 5 -11.57 -3.81 8.19
N GLN A 6 -10.53 -2.98 8.04
CA GLN A 6 -10.51 -1.66 8.65
C GLN A 6 -9.10 -1.11 8.65
N CYS A 7 -8.65 -0.70 7.47
CA CYS A 7 -7.30 -0.16 7.31
C CYS A 7 -7.34 1.32 6.99
N SER A 8 -6.36 2.06 7.51
CA SER A 8 -6.27 3.49 7.25
C SER A 8 -6.05 3.72 5.77
N GLN A 9 -6.43 4.89 5.30
CA GLN A 9 -6.29 5.23 3.89
C GLN A 9 -4.91 4.86 3.35
N ASN A 10 -4.91 4.14 2.24
CA ASN A 10 -3.68 3.70 1.60
C ASN A 10 -2.92 2.69 2.48
N GLU A 11 -3.64 2.04 3.36
CA GLU A 11 -3.04 1.04 4.22
C GLU A 11 -3.52 -0.35 3.86
N TYR A 12 -2.62 -1.34 3.96
CA TYR A 12 -3.02 -2.71 3.60
C TYR A 12 -2.74 -3.71 4.73
N PHE A 13 -3.82 -4.34 5.19
CA PHE A 13 -3.75 -5.34 6.26
C PHE A 13 -3.19 -6.65 5.73
N ASP A 14 -1.88 -6.78 5.80
CA ASP A 14 -1.21 -8.00 5.33
C ASP A 14 -1.64 -9.19 6.17
N SER A 15 -2.48 -10.05 5.60
CA SER A 15 -2.95 -11.23 6.31
C SER A 15 -1.79 -12.02 6.87
N LEU A 16 -0.60 -11.82 6.29
CA LEU A 16 0.59 -12.51 6.76
C LEU A 16 1.23 -11.76 7.92
N LEU A 17 1.00 -10.45 7.97
CA LEU A 17 1.56 -9.61 9.01
C LEU A 17 0.51 -9.23 10.05
N HIS A 18 -0.77 -9.40 9.71
CA HIS A 18 -1.87 -9.05 10.58
C HIS A 18 -1.69 -7.64 11.07
N ALA A 19 -1.59 -6.75 10.11
CA ALA A 19 -1.39 -5.35 10.36
C ALA A 19 -1.51 -4.53 9.10
N CYS A 20 -2.27 -3.47 9.16
CA CYS A 20 -2.42 -2.60 8.02
C CYS A 20 -1.10 -1.88 7.77
N ILE A 21 -0.41 -2.31 6.73
CA ILE A 21 0.88 -1.76 6.36
C ILE A 21 0.71 -0.72 5.26
N PRO A 22 1.47 0.40 5.30
CA PRO A 22 1.35 1.43 4.28
C PRO A 22 2.03 1.04 2.97
N CYS A 23 1.40 1.41 1.87
CA CYS A 23 1.92 1.10 0.53
C CYS A 23 2.95 2.12 0.06
N GLN A 24 2.89 3.33 0.63
CA GLN A 24 3.83 4.39 0.25
C GLN A 24 5.26 3.87 0.22
N LEU A 25 5.63 3.17 1.27
CA LEU A 25 6.96 2.60 1.40
C LEU A 25 7.23 1.50 0.37
N ARG A 26 6.19 1.08 -0.33
CA ARG A 26 6.34 0.03 -1.34
C ARG A 26 5.98 0.52 -2.74
N CYS A 27 5.54 1.75 -2.82
CA CYS A 27 5.17 2.35 -4.09
C CYS A 27 6.40 2.77 -4.88
N SER A 28 7.30 3.48 -4.21
CA SER A 28 8.52 3.98 -4.83
C SER A 28 9.63 2.93 -4.87
N SER A 29 9.29 1.66 -4.65
CA SER A 29 10.30 0.61 -4.67
C SER A 29 9.67 -0.77 -4.76
N ASN A 30 10.30 -1.63 -5.55
CA ASN A 30 9.85 -3.00 -5.75
C ASN A 30 8.50 -3.06 -6.46
N THR A 31 7.93 -1.88 -6.76
CA THR A 31 6.64 -1.77 -7.44
C THR A 31 5.76 -3.01 -7.25
N PRO A 32 5.51 -3.42 -5.98
CA PRO A 32 4.71 -4.59 -5.66
C PRO A 32 3.34 -4.26 -5.06
N PRO A 33 2.75 -3.09 -5.38
CA PRO A 33 1.45 -2.71 -4.82
C PRO A 33 0.26 -3.26 -5.60
N LEU A 34 -0.05 -4.52 -5.40
CA LEU A 34 -1.18 -5.12 -6.09
C LEU A 34 -2.49 -4.53 -5.56
N THR A 35 -2.64 -4.45 -4.23
CA THR A 35 -3.82 -3.87 -3.65
C THR A 35 -3.64 -2.36 -3.47
N CYS A 36 -2.48 -1.84 -3.91
CA CYS A 36 -2.18 -0.42 -3.79
C CYS A 36 -1.75 0.20 -5.12
N GLN A 37 -1.72 -0.61 -6.18
CA GLN A 37 -1.31 -0.14 -7.50
C GLN A 37 -2.01 1.17 -7.84
N ARG A 38 -3.32 1.17 -7.65
CA ARG A 38 -4.12 2.35 -7.91
C ARG A 38 -3.62 3.55 -7.11
N TYR A 39 -3.39 3.34 -5.82
CA TYR A 39 -2.91 4.42 -4.95
C TYR A 39 -1.48 4.80 -5.30
N CYS A 40 -0.61 3.80 -5.46
CA CYS A 40 0.77 4.07 -5.82
C CYS A 40 0.82 4.84 -7.13
N ASN A 41 -0.14 4.56 -8.01
CA ASN A 41 -0.22 5.26 -9.27
C ASN A 41 -0.56 6.73 -9.04
N ALA A 42 -1.10 7.00 -7.87
CA ALA A 42 -1.46 8.36 -7.49
C ALA A 42 -0.35 8.99 -6.66
N SER A 43 0.83 8.39 -6.76
CA SER A 43 2.01 8.86 -6.04
C SER A 43 3.25 8.75 -6.93
N VAL A 44 3.55 7.51 -7.35
CA VAL A 44 4.70 7.24 -8.21
C VAL A 44 5.90 8.08 -7.81
N THR A 45 6.12 8.14 -6.51
CA THR A 45 7.23 8.90 -5.93
C THR A 45 7.00 10.42 -6.07
N ASN A 46 6.58 10.86 -7.26
CA ASN A 46 6.33 12.27 -7.49
C ASN A 46 5.32 12.46 -8.61
N SER A 47 5.27 13.68 -9.17
CA SER A 47 4.37 14.01 -10.26
C SER A 47 4.13 15.51 -10.31
N VAL A 48 4.51 16.13 -11.43
CA VAL A 48 4.34 17.56 -11.64
C VAL A 48 5.08 18.00 -12.90
N LYS A 49 4.34 18.14 -13.97
CA LYS A 49 4.89 18.54 -15.26
C LYS A 49 5.89 17.52 -15.77
N CY1 A 50 5.91 17.33 -17.08
CA CY1 A 50 6.82 16.37 -17.70
CB CY1 A 50 6.13 15.65 -18.86
SG CY1 A 50 5.02 14.35 -18.28
CD CY1 A 50 4.01 14.04 -19.75
NE CY1 A 50 4.51 12.87 -20.46
CZ CY1 A 50 3.78 11.80 -20.75
OAC CY1 A 50 2.60 11.67 -20.45
CM CY1 A 50 4.50 10.70 -21.50
C CY1 A 50 8.08 17.07 -18.21
O CY1 A 50 9.20 16.64 -17.93
H CY1 A 50 5.29 17.83 -17.65
HA CY1 A 50 7.11 15.66 -16.95
HB2 CY1 A 50 5.56 16.36 -19.43
HB3 CY1 A 50 6.88 15.20 -19.49
HD2 CY1 A 50 3.19 13.75 -19.10
HD3 CY1 A 50 3.81 14.84 -20.44
HE CY1 A 50 5.48 12.81 -20.62
HM1 CY1 A 50 4.38 9.76 -20.97
HM2 CY1 A 50 5.55 10.96 -21.59
HM3 CY1 A 50 4.09 10.58 -22.49
N NH2 A 51 7.92 18.16 -18.96
HN1 NH2 A 51 7.00 18.46 -19.16
HN2 NH2 A 51 8.72 18.62 -19.29
N LEU A 1 -7.46 -10.89 9.08
CA LEU A 1 -8.49 -11.04 8.02
C LEU A 1 -8.48 -9.83 7.09
N GLN A 2 -9.11 -10.00 5.93
CA GLN A 2 -9.19 -8.92 4.95
C GLN A 2 -9.99 -7.73 5.49
N MET A 3 -9.49 -6.53 5.22
CA MET A 3 -10.14 -5.29 5.67
C MET A 3 -9.71 -4.93 7.10
N ALA A 4 -9.53 -5.94 7.94
CA ALA A 4 -9.11 -5.72 9.33
C ALA A 4 -9.84 -4.54 9.99
N GLY A 5 -10.93 -4.83 10.70
CA GLY A 5 -11.70 -3.80 11.40
C GLY A 5 -11.79 -2.47 10.65
N GLN A 6 -11.79 -2.53 9.33
CA GLN A 6 -11.87 -1.32 8.51
C GLN A 6 -10.53 -0.62 8.48
N CYS A 7 -9.59 -1.27 7.80
CA CYS A 7 -8.22 -0.76 7.65
C CYS A 7 -8.18 0.74 7.46
N SER A 8 -7.16 1.37 8.04
CA SER A 8 -7.00 2.81 7.90
C SER A 8 -6.80 3.14 6.43
N GLN A 9 -7.29 4.29 6.00
CA GLN A 9 -7.19 4.68 4.61
C GLN A 9 -5.78 4.53 4.07
N ASN A 10 -5.69 3.86 2.93
CA ASN A 10 -4.42 3.61 2.25
C ASN A 10 -3.54 2.65 3.02
N GLU A 11 -4.16 1.77 3.79
CA GLU A 11 -3.38 0.78 4.54
C GLU A 11 -3.60 -0.61 4.00
N TYR A 12 -2.53 -1.41 3.95
CA TYR A 12 -2.67 -2.78 3.42
C TYR A 12 -2.27 -3.82 4.45
N PHE A 13 -3.22 -4.71 4.74
CA PHE A 13 -3.02 -5.78 5.71
C PHE A 13 -2.25 -6.93 5.08
N ASP A 14 -0.93 -6.87 5.22
CA ASP A 14 -0.06 -7.91 4.67
C ASP A 14 -0.35 -9.24 5.36
N SER A 15 -0.97 -10.16 4.63
CA SER A 15 -1.28 -11.48 5.20
C SER A 15 -0.02 -12.17 5.70
N LEU A 16 1.15 -11.64 5.35
CA LEU A 16 2.41 -12.20 5.80
C LEU A 16 2.86 -11.52 7.09
N LEU A 17 2.42 -10.27 7.26
CA LEU A 17 2.77 -9.49 8.44
C LEU A 17 1.61 -9.45 9.44
N HIS A 18 0.38 -9.66 8.95
CA HIS A 18 -0.78 -9.63 9.82
C HIS A 18 -0.95 -8.25 10.44
N ALA A 19 -0.91 -7.25 9.59
CA ALA A 19 -1.06 -5.87 10.02
C ALA A 19 -1.25 -4.94 8.85
N CYS A 20 -2.30 -4.16 8.91
CA CYS A 20 -2.54 -3.20 7.85
C CYS A 20 -1.50 -2.09 7.95
N ILE A 21 -0.63 -2.08 6.98
CA ILE A 21 0.48 -1.14 6.91
C ILE A 21 0.35 -0.25 5.69
N PRO A 22 0.80 1.01 5.77
CA PRO A 22 0.75 1.91 4.63
C PRO A 22 1.54 1.37 3.44
N CYS A 23 0.91 1.34 2.27
CA CYS A 23 1.56 0.83 1.05
C CYS A 23 2.66 1.77 0.57
N GLN A 24 2.46 3.07 0.78
CA GLN A 24 3.42 4.10 0.36
C GLN A 24 4.86 3.68 0.65
N LEU A 25 5.11 3.35 1.90
CA LEU A 25 6.44 2.94 2.34
C LEU A 25 6.90 1.64 1.67
N ARG A 26 6.00 0.98 0.95
CA ARG A 26 6.33 -0.27 0.29
C ARG A 26 6.02 -0.26 -1.21
N CYS A 27 5.56 0.86 -1.69
CA CYS A 27 5.22 1.02 -3.10
C CYS A 27 6.49 1.02 -3.98
N SER A 28 7.30 -0.02 -3.84
CA SER A 28 8.52 -0.14 -4.59
C SER A 28 9.15 -1.52 -4.38
N SER A 29 8.50 -2.55 -4.93
CA SER A 29 8.99 -3.91 -4.80
C SER A 29 8.86 -4.39 -3.36
N ASN A 30 8.69 -5.70 -3.21
CA ASN A 30 8.52 -6.32 -1.90
C ASN A 30 7.05 -6.29 -1.50
N THR A 31 6.28 -7.19 -2.09
CA THR A 31 4.86 -7.29 -1.85
C THR A 31 4.11 -6.25 -2.71
N PRO A 32 3.40 -6.68 -3.77
CA PRO A 32 2.70 -5.76 -4.66
C PRO A 32 1.44 -5.16 -4.04
N PRO A 33 1.12 -3.91 -4.42
CA PRO A 33 -0.05 -3.19 -3.91
C PRO A 33 -1.31 -3.49 -4.71
N LEU A 34 -1.98 -4.58 -4.38
CA LEU A 34 -3.20 -4.93 -5.09
C LEU A 34 -4.29 -3.91 -4.80
N THR A 35 -4.49 -3.56 -3.53
CA THR A 35 -5.47 -2.56 -3.18
C THR A 35 -4.84 -1.18 -3.18
N CYS A 36 -3.55 -1.10 -3.56
CA CYS A 36 -2.86 0.18 -3.58
C CYS A 36 -2.22 0.48 -4.94
N GLN A 37 -2.27 -0.47 -5.86
CA GLN A 37 -1.67 -0.30 -7.19
C GLN A 37 -2.01 1.06 -7.79
N ARG A 38 -3.15 1.59 -7.42
CA ARG A 38 -3.58 2.89 -7.91
C ARG A 38 -2.86 4.00 -7.15
N TYR A 39 -2.77 3.85 -5.84
CA TYR A 39 -2.13 4.84 -4.99
C TYR A 39 -0.62 4.77 -5.09
N CYS A 40 -0.07 3.57 -5.21
CA CYS A 40 1.37 3.42 -5.32
C CYS A 40 1.88 4.14 -6.56
N ASN A 41 1.15 4.01 -7.67
CA ASN A 41 1.53 4.69 -8.89
C ASN A 41 1.46 6.19 -8.69
N ALA A 42 0.71 6.60 -7.69
CA ALA A 42 0.57 8.01 -7.35
C ALA A 42 1.45 8.34 -6.15
N SER A 43 2.48 7.53 -5.95
CA SER A 43 3.41 7.71 -4.85
C SER A 43 4.67 6.86 -5.07
N VAL A 44 5.02 6.63 -6.34
CA VAL A 44 6.19 5.86 -6.70
C VAL A 44 7.23 6.74 -7.36
N THR A 45 7.46 7.89 -6.74
CA THR A 45 8.43 8.85 -7.24
C THR A 45 8.06 9.30 -8.66
N ASN A 46 9.00 9.98 -9.33
CA ASN A 46 8.78 10.47 -10.69
C ASN A 46 8.02 11.80 -10.66
N SER A 47 8.78 12.89 -10.58
CA SER A 47 8.20 14.23 -10.54
C SER A 47 7.56 14.52 -9.18
N VAL A 48 8.40 14.48 -8.15
CA VAL A 48 7.96 14.71 -6.78
C VAL A 48 6.72 13.90 -6.45
N LYS A 49 6.98 12.72 -5.94
CA LYS A 49 5.94 11.80 -5.54
C LYS A 49 4.99 11.49 -6.72
N CY1 A 50 4.02 12.38 -6.93
CA CY1 A 50 3.07 12.20 -8.02
CB CY1 A 50 1.63 12.23 -7.48
SG CY1 A 50 0.40 11.92 -8.76
CD CY1 A 50 -0.52 13.46 -8.79
NE CY1 A 50 -0.90 13.80 -10.16
CZ CY1 A 50 -1.89 13.20 -10.83
OAC CY1 A 50 -2.58 12.29 -10.36
CM CY1 A 50 -2.12 13.70 -12.24
C CY1 A 50 3.24 13.28 -9.09
O CY1 A 50 3.61 12.99 -10.22
H CY1 A 50 3.95 13.16 -6.36
HA CY1 A 50 3.25 11.24 -8.47
HB2 CY1 A 50 1.54 11.47 -6.71
HB3 CY1 A 50 1.45 13.20 -7.05
HD2 CY1 A 50 -1.37 13.08 -8.25
HD3 CY1 A 50 0.21 14.17 -8.42
HE CY1 A 50 -0.52 14.61 -10.55
HM1 CY1 A 50 -1.17 14.01 -12.67
HM2 CY1 A 50 -2.82 14.52 -12.20
HM3 CY1 A 50 -2.52 12.92 -12.84
N NH2 A 51 2.98 14.53 -8.73
HN1 NH2 A 51 2.70 14.70 -7.81
HN2 NH2 A 51 3.10 15.24 -9.40
N LEU A 1 -9.90 -5.21 13.89
CA LEU A 1 -8.46 -5.04 14.21
C LEU A 1 -7.68 -4.48 13.02
N GLN A 2 -7.51 -5.30 11.99
CA GLN A 2 -6.80 -4.88 10.79
C GLN A 2 -7.53 -5.33 9.53
N MET A 3 -8.00 -4.34 8.76
CA MET A 3 -8.75 -4.60 7.52
C MET A 3 -10.14 -5.11 7.85
N ALA A 4 -10.20 -6.06 8.75
CA ALA A 4 -11.45 -6.63 9.16
C ALA A 4 -12.19 -5.68 10.11
N GLY A 5 -12.52 -4.50 9.61
CA GLY A 5 -13.21 -3.51 10.43
C GLY A 5 -12.93 -2.09 9.97
N GLN A 6 -11.65 -1.73 9.85
CA GLN A 6 -11.27 -0.40 9.41
C GLN A 6 -9.76 -0.21 9.45
N CYS A 7 -9.07 -0.88 8.53
CA CYS A 7 -7.60 -0.79 8.42
C CYS A 7 -7.14 0.65 8.66
N SER A 8 -5.91 0.82 9.13
CA SER A 8 -5.37 2.15 9.36
C SER A 8 -5.48 2.95 8.08
N GLN A 9 -5.66 4.26 8.19
CA GLN A 9 -5.81 5.12 7.03
C GLN A 9 -4.66 4.92 6.04
N ASN A 10 -5.02 4.62 4.80
CA ASN A 10 -4.05 4.37 3.74
C ASN A 10 -3.16 3.21 4.10
N GLU A 11 -3.71 2.28 4.87
CA GLU A 11 -2.95 1.11 5.27
C GLU A 11 -3.55 -0.17 4.72
N TYR A 12 -2.69 -1.14 4.39
CA TYR A 12 -3.18 -2.41 3.84
C TYR A 12 -2.81 -3.58 4.73
N PHE A 13 -3.84 -4.33 5.14
CA PHE A 13 -3.67 -5.50 6.00
C PHE A 13 -3.03 -6.65 5.25
N ASP A 14 -1.70 -6.68 5.26
CA ASP A 14 -0.97 -7.75 4.57
C ASP A 14 -1.11 -9.05 5.33
N SER A 15 -1.91 -9.97 4.80
CA SER A 15 -2.11 -11.26 5.44
C SER A 15 -0.77 -11.94 5.69
N LEU A 16 0.26 -11.52 4.96
CA LEU A 16 1.59 -12.10 5.12
C LEU A 16 2.31 -11.43 6.29
N LEU A 17 1.97 -10.17 6.54
CA LEU A 17 2.57 -9.40 7.62
C LEU A 17 1.67 -9.36 8.85
N HIS A 18 0.37 -9.55 8.65
CA HIS A 18 -0.60 -9.54 9.73
C HIS A 18 -0.68 -8.16 10.37
N ALA A 19 -0.87 -7.15 9.54
CA ALA A 19 -0.96 -5.80 10.01
C ALA A 19 -1.24 -4.83 8.87
N CYS A 20 -2.16 -3.91 9.12
CA CYS A 20 -2.47 -2.91 8.13
C CYS A 20 -1.25 -2.02 7.97
N ILE A 21 -0.54 -2.22 6.88
CA ILE A 21 0.69 -1.50 6.59
C ILE A 21 0.54 -0.53 5.42
N PRO A 22 1.20 0.64 5.48
CA PRO A 22 1.14 1.63 4.41
C PRO A 22 1.86 1.18 3.15
N CYS A 23 1.31 1.56 2.00
CA CYS A 23 1.88 1.20 0.71
C CYS A 23 2.80 2.31 0.19
N GLN A 24 2.46 3.56 0.53
CA GLN A 24 3.24 4.71 0.11
C GLN A 24 4.72 4.52 0.40
N LEU A 25 5.01 4.19 1.64
CA LEU A 25 6.39 3.97 2.09
C LEU A 25 7.00 2.72 1.44
N ARG A 26 6.17 1.93 0.75
CA ARG A 26 6.65 0.72 0.10
C ARG A 26 6.52 0.77 -1.41
N CYS A 27 5.91 1.83 -1.90
CA CYS A 27 5.71 2.02 -3.33
C CYS A 27 7.06 2.03 -4.08
N SER A 28 8.12 2.35 -3.35
CA SER A 28 9.45 2.42 -3.93
C SER A 28 10.11 1.03 -4.00
N SER A 29 9.32 -0.01 -3.80
CA SER A 29 9.82 -1.37 -3.84
C SER A 29 8.80 -2.26 -4.52
N ASN A 30 9.12 -3.54 -4.62
CA ASN A 30 8.25 -4.51 -5.24
C ASN A 30 6.97 -4.62 -4.44
N THR A 31 7.11 -5.13 -3.22
CA THR A 31 5.98 -5.30 -2.30
C THR A 31 4.65 -5.44 -3.05
N PRO A 32 4.32 -6.66 -3.49
CA PRO A 32 3.07 -6.92 -4.24
C PRO A 32 1.90 -6.12 -3.71
N PRO A 33 1.65 -4.94 -4.32
CA PRO A 33 0.57 -4.04 -3.93
C PRO A 33 -0.67 -4.20 -4.76
N LEU A 34 -1.41 -5.26 -4.50
CA LEU A 34 -2.64 -5.51 -5.23
C LEU A 34 -3.70 -4.48 -4.86
N THR A 35 -3.89 -4.24 -3.57
CA THR A 35 -4.86 -3.24 -3.12
C THR A 35 -4.19 -1.87 -3.05
N CYS A 36 -2.90 -1.80 -3.42
CA CYS A 36 -2.17 -0.54 -3.38
C CYS A 36 -1.68 -0.12 -4.76
N GLN A 37 -1.78 -1.02 -5.74
CA GLN A 37 -1.34 -0.73 -7.09
C GLN A 37 -1.96 0.56 -7.60
N ARG A 38 -3.16 0.84 -7.14
CA ARG A 38 -3.87 2.05 -7.55
C ARG A 38 -3.29 3.27 -6.85
N TYR A 39 -2.83 3.10 -5.61
CA TYR A 39 -2.26 4.19 -4.86
C TYR A 39 -0.80 4.42 -5.22
N CYS A 40 -0.03 3.34 -5.37
CA CYS A 40 1.36 3.48 -5.73
C CYS A 40 1.48 4.05 -7.13
N ASN A 41 0.64 3.58 -8.05
CA ASN A 41 0.66 4.09 -9.40
C ASN A 41 0.11 5.51 -9.43
N ALA A 42 -0.55 5.89 -8.34
CA ALA A 42 -1.11 7.23 -8.22
C ALA A 42 -0.30 8.07 -7.24
N SER A 43 0.96 7.67 -7.06
CA SER A 43 1.88 8.36 -6.17
C SER A 43 3.13 8.80 -6.91
N VAL A 44 3.63 7.93 -7.79
CA VAL A 44 4.81 8.22 -8.58
C VAL A 44 6.05 8.40 -7.68
N THR A 45 6.34 7.37 -6.90
CA THR A 45 7.47 7.37 -5.98
C THR A 45 8.64 8.21 -6.51
N ASN A 46 9.02 7.96 -7.75
CA ASN A 46 10.13 8.68 -8.37
C ASN A 46 10.35 8.22 -9.82
N SER A 47 9.88 9.02 -10.78
CA SER A 47 10.03 8.69 -12.19
C SER A 47 9.17 7.48 -12.55
N VAL A 48 8.49 7.58 -13.70
CA VAL A 48 7.62 6.52 -14.21
C VAL A 48 6.67 7.09 -15.24
N LYS A 49 6.97 6.83 -16.50
CA LYS A 49 6.17 7.28 -17.61
C LYS A 49 6.87 7.02 -18.94
N CY1 A 50 8.15 7.38 -19.01
CA CY1 A 50 8.93 7.19 -20.22
CB CY1 A 50 8.90 8.46 -21.09
SG CY1 A 50 8.06 8.21 -22.67
CD CY1 A 50 9.25 8.84 -23.87
NE CY1 A 50 9.08 10.28 -24.05
CZ CY1 A 50 8.45 10.84 -25.08
OAC CY1 A 50 7.94 10.20 -26.00
CM CY1 A 50 8.40 12.36 -25.07
C CY1 A 50 10.37 6.83 -19.89
O CY1 A 50 10.77 5.67 -20.00
H CY1 A 50 8.57 7.79 -18.22
HA CY1 A 50 8.49 6.38 -20.78
HB2 CY1 A 50 8.38 9.24 -20.54
HB3 CY1 A 50 9.91 8.78 -21.28
HD2 CY1 A 50 8.69 8.50 -23.02
HD3 CY1 A 50 8.33 8.43 -23.47
HE CY1 A 50 9.60 10.88 -23.47
HM1 CY1 A 50 8.89 12.73 -25.97
HM2 CY1 A 50 8.89 12.72 -24.17
HM3 CY1 A 50 7.38 12.69 -25.07
N NH2 A 51 11.17 7.80 -19.47
HN1 NH2 A 51 10.80 8.70 -19.39
HN2 NH2 A 51 12.10 7.58 -19.25
N LEU A 1 -7.59 -13.15 13.59
CA LEU A 1 -6.38 -12.29 13.68
C LEU A 1 -6.17 -11.48 12.41
N GLN A 2 -6.80 -11.92 11.32
CA GLN A 2 -6.68 -11.22 10.05
C GLN A 2 -7.65 -10.05 9.98
N MET A 3 -7.09 -8.84 9.91
CA MET A 3 -7.85 -7.59 9.86
C MET A 3 -7.59 -6.77 11.11
N ALA A 4 -6.92 -5.65 10.93
CA ALA A 4 -6.58 -4.77 12.03
C ALA A 4 -7.74 -3.81 12.32
N GLY A 5 -8.83 -4.35 12.84
CA GLY A 5 -10.00 -3.52 13.14
C GLY A 5 -10.47 -2.74 11.94
N GLN A 6 -10.24 -3.29 10.74
CA GLN A 6 -10.63 -2.65 9.49
C GLN A 6 -9.54 -1.68 9.05
N CYS A 7 -8.43 -2.25 8.59
CA CYS A 7 -7.27 -1.48 8.13
C CYS A 7 -7.61 -0.04 7.80
N SER A 8 -6.81 0.88 8.32
CA SER A 8 -7.02 2.30 8.05
C SER A 8 -7.00 2.53 6.55
N GLN A 9 -7.63 3.59 6.10
CA GLN A 9 -7.68 3.90 4.69
C GLN A 9 -6.30 3.85 4.05
N ASN A 10 -6.23 3.13 2.94
CA ASN A 10 -4.99 2.97 2.20
C ASN A 10 -3.97 2.14 2.95
N GLU A 11 -4.45 1.24 3.80
CA GLU A 11 -3.55 0.37 4.55
C GLU A 11 -3.64 -1.05 4.03
N TYR A 12 -2.50 -1.74 3.98
CA TYR A 12 -2.49 -3.12 3.49
C TYR A 12 -2.03 -4.11 4.54
N PHE A 13 -2.93 -5.04 4.86
CA PHE A 13 -2.67 -6.08 5.87
C PHE A 13 -1.82 -7.19 5.30
N ASP A 14 -0.53 -7.17 5.61
CA ASP A 14 0.37 -8.21 5.14
C ASP A 14 0.07 -9.51 5.88
N SER A 15 -0.64 -10.42 5.22
CA SER A 15 -1.01 -11.69 5.84
C SER A 15 0.23 -12.41 6.39
N LEU A 16 1.43 -11.95 5.99
CA LEU A 16 2.66 -12.55 6.48
C LEU A 16 3.16 -11.80 7.71
N LEU A 17 2.75 -10.53 7.82
CA LEU A 17 3.15 -9.69 8.95
C LEU A 17 2.01 -9.52 9.95
N HIS A 18 0.77 -9.71 9.48
CA HIS A 18 -0.39 -9.55 10.33
C HIS A 18 -0.49 -8.12 10.82
N ALA A 19 -0.45 -7.19 9.88
CA ALA A 19 -0.52 -5.77 10.20
C ALA A 19 -0.82 -4.95 8.96
N CYS A 20 -1.90 -4.19 9.02
CA CYS A 20 -2.24 -3.32 7.91
C CYS A 20 -1.22 -2.18 7.85
N ILE A 21 -0.37 -2.25 6.84
CA ILE A 21 0.69 -1.27 6.65
C ILE A 21 0.36 -0.31 5.52
N PRO A 22 0.72 0.98 5.66
CA PRO A 22 0.46 1.96 4.61
C PRO A 22 1.27 1.66 3.35
N CYS A 23 0.58 1.62 2.22
CA CYS A 23 1.23 1.32 0.93
C CYS A 23 2.24 2.41 0.55
N GLN A 24 1.99 3.63 1.03
CA GLN A 24 2.89 4.74 0.71
C GLN A 24 4.35 4.40 0.98
N LEU A 25 4.60 3.89 2.16
CA LEU A 25 5.96 3.52 2.57
C LEU A 25 6.51 2.34 1.77
N ARG A 26 5.66 1.69 0.97
CA ARG A 26 6.11 0.54 0.17
C ARG A 26 5.75 0.67 -1.31
N CYS A 27 5.11 1.78 -1.64
CA CYS A 27 4.67 2.07 -3.02
C CYS A 27 4.43 0.81 -3.86
N SER A 28 5.49 0.28 -4.47
CA SER A 28 5.37 -0.89 -5.29
C SER A 28 6.69 -1.67 -5.37
N SER A 29 7.15 -2.13 -4.21
CA SER A 29 8.39 -2.91 -4.15
C SER A 29 8.40 -3.81 -2.93
N ASN A 30 8.89 -5.03 -3.13
CA ASN A 30 8.97 -6.02 -2.06
C ASN A 30 7.62 -6.18 -1.37
N THR A 31 6.55 -5.83 -2.08
CA THR A 31 5.21 -5.93 -1.55
C THR A 31 4.16 -5.69 -2.65
N PRO A 32 3.85 -6.71 -3.47
CA PRO A 32 2.85 -6.56 -4.55
C PRO A 32 1.60 -5.81 -4.09
N PRO A 33 1.54 -4.50 -4.40
CA PRO A 33 0.41 -3.64 -4.01
C PRO A 33 -0.74 -3.71 -4.98
N LEU A 34 -1.45 -4.83 -4.95
CA LEU A 34 -2.59 -4.98 -5.84
C LEU A 34 -3.67 -3.96 -5.53
N THR A 35 -3.89 -3.66 -4.24
CA THR A 35 -4.87 -2.68 -3.85
C THR A 35 -4.21 -1.31 -3.70
N CYS A 36 -2.89 -1.22 -3.96
CA CYS A 36 -2.19 0.06 -3.83
C CYS A 36 -1.53 0.48 -5.14
N GLN A 37 -1.43 -0.43 -6.11
CA GLN A 37 -0.82 -0.12 -7.39
C GLN A 37 -1.34 1.21 -7.95
N ARG A 38 -2.56 1.55 -7.57
CA ARG A 38 -3.17 2.80 -8.01
C ARG A 38 -2.62 3.95 -7.18
N TYR A 39 -2.50 3.72 -5.87
CA TYR A 39 -1.98 4.75 -4.97
C TYR A 39 -0.51 5.00 -5.22
N CYS A 40 0.25 3.93 -5.42
CA CYS A 40 1.67 4.07 -5.69
C CYS A 40 1.89 4.91 -6.94
N ASN A 41 1.08 4.64 -7.97
CA ASN A 41 1.16 5.39 -9.21
C ASN A 41 0.70 6.82 -8.99
N ALA A 42 0.00 7.04 -7.90
CA ALA A 42 -0.50 8.36 -7.55
C ALA A 42 0.14 8.84 -6.26
N SER A 43 1.36 8.38 -6.02
CA SER A 43 2.12 8.75 -4.83
C SER A 43 3.61 8.86 -5.13
N VAL A 44 4.07 8.23 -6.22
CA VAL A 44 5.47 8.27 -6.59
C VAL A 44 5.63 8.09 -8.09
N THR A 45 5.10 9.04 -8.86
CA THR A 45 5.16 9.01 -10.32
C THR A 45 4.83 7.62 -10.85
N ASN A 46 5.19 7.38 -12.11
CA ASN A 46 4.93 6.10 -12.75
C ASN A 46 5.93 5.84 -13.87
N SER A 47 5.73 4.74 -14.59
CA SER A 47 6.60 4.36 -15.69
C SER A 47 8.06 4.36 -15.27
N VAL A 48 8.53 3.22 -14.76
CA VAL A 48 9.91 3.09 -14.31
C VAL A 48 10.78 2.40 -15.34
N LYS A 49 10.33 2.48 -16.56
CA LYS A 49 11.02 1.87 -17.69
C LYS A 49 11.24 0.38 -17.48
N CY1 A 50 10.27 -0.31 -16.86
CA CY1 A 50 10.38 -1.75 -16.51
CB CY1 A 50 9.87 -2.05 -15.09
SG CY1 A 50 10.48 -3.67 -14.50
CD CY1 A 50 9.42 -3.93 -13.05
NE CY1 A 50 8.06 -4.21 -13.52
CZ CY1 A 50 6.98 -3.51 -13.12
OAC CY1 A 50 7.07 -2.60 -12.34
CM CY1 A 50 5.68 -3.95 -13.73
C CY1 A 50 9.73 -2.68 -17.54
O CY1 A 50 8.61 -3.10 -17.45
H CY1 A 50 9.47 0.19 -16.53
HA CY1 A 50 11.44 -2.03 -16.52
HB2 CY1 A 50 8.78 -2.04 -15.07
HB3 CY1 A 50 10.24 -1.28 -14.39
HD2 CY1 A 50 9.43 -3.05 -12.38
HD3 CY1 A 50 9.77 -4.80 -12.48
HE CY1 A 50 7.96 -4.88 -14.26
HM1 CY1 A 50 5.76 -3.95 -14.82
HM2 CY1 A 50 4.90 -3.26 -13.43
HM3 CY1 A 50 5.42 -4.95 -13.38
N NH2 A 51 10.31 -2.69 -18.73
HN1 NH2 A 51 11.21 -2.25 -18.86
HN2 NH2 A 51 9.87 -3.22 -19.46
N LEU A 1 -6.17 -12.41 8.87
CA LEU A 1 -7.13 -12.86 9.92
C LEU A 1 -7.65 -11.68 10.74
N GLN A 2 -8.92 -11.39 10.58
CA GLN A 2 -9.54 -10.28 11.31
C GLN A 2 -8.92 -8.95 10.93
N MET A 3 -9.75 -8.00 10.52
CA MET A 3 -9.28 -6.66 10.12
C MET A 3 -8.59 -6.68 8.76
N ALA A 4 -8.48 -7.85 8.17
CA ALA A 4 -7.84 -7.99 6.88
C ALA A 4 -8.68 -7.37 5.77
N GLY A 5 -8.54 -6.05 5.62
CA GLY A 5 -9.29 -5.34 4.60
C GLY A 5 -10.15 -4.23 5.18
N GLN A 6 -9.56 -3.38 6.00
CA GLN A 6 -10.29 -2.27 6.61
C GLN A 6 -9.38 -1.47 7.54
N CYS A 7 -8.45 -0.76 6.92
CA CYS A 7 -7.51 0.08 7.64
C CYS A 7 -7.56 1.50 7.13
N SER A 8 -6.96 2.42 7.88
CA SER A 8 -6.92 3.82 7.47
C SER A 8 -6.52 3.90 6.00
N GLN A 9 -6.79 5.03 5.39
CA GLN A 9 -6.48 5.22 3.98
C GLN A 9 -5.12 4.68 3.59
N ASN A 10 -5.08 4.17 2.37
CA ASN A 10 -3.88 3.59 1.76
C ASN A 10 -3.16 2.61 2.68
N GLU A 11 -3.89 1.93 3.55
CA GLU A 11 -3.25 0.95 4.42
C GLU A 11 -3.53 -0.46 3.95
N TYR A 12 -2.46 -1.26 3.87
CA TYR A 12 -2.62 -2.65 3.41
C TYR A 12 -2.28 -3.64 4.50
N PHE A 13 -3.26 -4.46 4.87
CA PHE A 13 -3.09 -5.46 5.91
C PHE A 13 -2.58 -6.77 5.33
N ASP A 14 -1.27 -6.90 5.25
CA ASP A 14 -0.65 -8.11 4.72
C ASP A 14 -1.03 -9.30 5.58
N SER A 15 -1.84 -10.19 5.05
CA SER A 15 -2.26 -11.38 5.79
C SER A 15 -1.05 -12.22 6.21
N LEU A 16 0.13 -11.87 5.68
CA LEU A 16 1.35 -12.57 6.02
C LEU A 16 2.07 -11.84 7.15
N LEU A 17 1.81 -10.53 7.25
CA LEU A 17 2.41 -9.69 8.27
C LEU A 17 1.43 -9.38 9.40
N HIS A 18 0.14 -9.46 9.10
CA HIS A 18 -0.90 -9.19 10.09
C HIS A 18 -0.80 -7.75 10.58
N ALA A 19 -0.58 -6.84 9.64
CA ALA A 19 -0.46 -5.43 9.96
C ALA A 19 -0.77 -4.57 8.75
N CYS A 20 -1.82 -3.78 8.86
CA CYS A 20 -2.16 -2.90 7.75
C CYS A 20 -1.12 -1.79 7.66
N ILE A 21 -0.28 -1.90 6.64
CA ILE A 21 0.82 -0.99 6.40
C ILE A 21 0.52 -0.02 5.27
N PRO A 22 0.97 1.25 5.38
CA PRO A 22 0.75 2.23 4.33
C PRO A 22 1.46 1.86 3.03
N CYS A 23 0.71 1.92 1.93
CA CYS A 23 1.25 1.57 0.61
C CYS A 23 2.49 2.41 0.27
N GLN A 24 2.50 3.66 0.72
CA GLN A 24 3.62 4.56 0.46
C GLN A 24 4.95 3.89 0.75
N LEU A 25 5.02 3.25 1.90
CA LEU A 25 6.23 2.57 2.33
C LEU A 25 6.53 1.33 1.48
N ARG A 26 5.63 1.00 0.55
CA ARG A 26 5.83 -0.18 -0.31
C ARG A 26 5.77 0.18 -1.79
N CYS A 27 5.53 1.44 -2.09
CA CYS A 27 5.46 1.91 -3.47
C CYS A 27 6.83 2.37 -3.97
N SER A 28 7.70 2.74 -3.03
CA SER A 28 9.02 3.22 -3.37
C SER A 28 9.86 2.21 -4.13
N SER A 29 9.41 0.98 -4.16
CA SER A 29 10.12 -0.07 -4.86
C SER A 29 9.45 -1.43 -4.68
N ASN A 30 9.97 -2.41 -5.40
CA ASN A 30 9.47 -3.79 -5.37
C ASN A 30 8.12 -3.91 -6.08
N THR A 31 7.53 -2.77 -6.45
CA THR A 31 6.24 -2.72 -7.14
C THR A 31 5.32 -3.89 -6.78
N PRO A 32 5.08 -4.13 -5.48
CA PRO A 32 4.23 -5.22 -5.01
C PRO A 32 2.88 -4.75 -4.44
N PRO A 33 2.34 -3.58 -4.89
CA PRO A 33 1.07 -3.08 -4.38
C PRO A 33 -0.14 -3.66 -5.10
N LEU A 34 -0.53 -4.86 -4.72
CA LEU A 34 -1.69 -5.48 -5.34
C LEU A 34 -2.96 -4.76 -4.94
N THR A 35 -3.16 -4.52 -3.64
CA THR A 35 -4.32 -3.79 -3.17
C THR A 35 -3.98 -2.29 -3.10
N CYS A 36 -2.78 -1.94 -3.57
CA CYS A 36 -2.34 -0.55 -3.54
C CYS A 36 -1.95 -0.04 -4.93
N GLN A 37 -1.96 -0.92 -5.93
CA GLN A 37 -1.58 -0.54 -7.29
C GLN A 37 -2.16 0.83 -7.65
N ARG A 38 -3.46 0.97 -7.43
CA ARG A 38 -4.16 2.21 -7.71
C ARG A 38 -3.54 3.37 -6.94
N TYR A 39 -3.15 3.12 -5.69
CA TYR A 39 -2.56 4.15 -4.86
C TYR A 39 -1.10 4.40 -5.20
N CYS A 40 -0.33 3.33 -5.35
CA CYS A 40 1.09 3.47 -5.69
C CYS A 40 1.23 4.19 -7.02
N ASN A 41 0.35 3.88 -7.96
CA ASN A 41 0.39 4.51 -9.26
C ASN A 41 -0.18 5.93 -9.18
N ALA A 42 -0.85 6.21 -8.07
CA ALA A 42 -1.44 7.52 -7.84
C ALA A 42 -0.74 8.22 -6.69
N SER A 43 0.49 7.81 -6.43
CA SER A 43 1.30 8.38 -5.37
C SER A 43 2.67 8.81 -5.89
N VAL A 44 3.12 8.15 -6.96
CA VAL A 44 4.41 8.45 -7.56
C VAL A 44 4.47 7.94 -9.00
N THR A 45 3.64 8.53 -9.85
CA THR A 45 3.52 8.16 -11.25
C THR A 45 4.79 7.48 -11.79
N ASN A 46 4.60 6.51 -12.69
CA ASN A 46 5.71 5.79 -13.29
C ASN A 46 6.69 6.75 -13.97
N SER A 47 7.65 6.19 -14.69
CA SER A 47 8.65 6.99 -15.38
C SER A 47 9.60 7.67 -14.40
N VAL A 48 10.82 7.15 -14.30
CA VAL A 48 11.83 7.69 -13.39
C VAL A 48 12.98 6.69 -13.24
N LYS A 49 14.04 6.96 -13.97
CA LYS A 49 15.23 6.10 -13.94
C LYS A 49 14.91 4.71 -14.46
N CY1 A 50 15.69 4.25 -15.44
CA CY1 A 50 15.49 2.93 -16.02
CB CY1 A 50 15.76 2.97 -17.52
SG CY1 A 50 14.25 3.12 -18.50
CD CY1 A 50 14.76 2.48 -20.10
NE CY1 A 50 13.74 1.58 -20.64
CZ CY1 A 50 13.00 1.85 -21.71
OAC CY1 A 50 13.09 2.89 -22.36
CM CY1 A 50 12.00 0.78 -22.10
C CY1 A 50 16.40 1.90 -15.35
O CY1 A 50 17.56 1.75 -15.73
H CY1 A 50 16.41 4.82 -15.77
HA CY1 A 50 14.47 2.65 -15.86
HB2 CY1 A 50 16.40 3.82 -17.74
HB3 CY1 A 50 16.27 2.07 -17.82
HD2 CY1 A 50 14.45 3.51 -20.23
HD3 CY1 A 50 15.62 2.50 -20.76
HE CY1 A 50 13.73 0.66 -20.32
HM1 CY1 A 50 11.10 1.26 -22.47
HM2 CY1 A 50 11.79 0.17 -21.22
HM3 CY1 A 50 12.40 0.16 -22.87
N NH2 A 51 15.89 1.19 -14.36
HN1 NH2 A 51 14.96 1.36 -14.10
HN2 NH2 A 51 16.46 0.52 -13.91
N LEU A 1 -8.27 -13.15 6.43
CA LEU A 1 -9.07 -12.08 7.07
C LEU A 1 -9.52 -11.03 6.07
N GLN A 2 -8.63 -10.71 5.12
CA GLN A 2 -8.92 -9.72 4.08
C GLN A 2 -9.44 -8.42 4.67
N MET A 3 -8.72 -7.33 4.42
CA MET A 3 -9.11 -6.01 4.91
C MET A 3 -8.90 -5.88 6.43
N ALA A 4 -9.20 -6.95 7.18
CA ALA A 4 -9.03 -6.95 8.63
C ALA A 4 -9.59 -5.69 9.29
N GLY A 5 -10.78 -5.81 9.88
CA GLY A 5 -11.41 -4.68 10.57
C GLY A 5 -11.46 -3.40 9.76
N GLN A 6 -11.32 -3.49 8.44
CA GLN A 6 -11.36 -2.31 7.58
C GLN A 6 -10.07 -1.54 7.69
N CYS A 7 -9.02 -2.13 7.14
CA CYS A 7 -7.67 -1.53 7.14
C CYS A 7 -7.75 -0.02 7.01
N SER A 8 -6.84 0.67 7.69
CA SER A 8 -6.80 2.12 7.60
C SER A 8 -6.54 2.52 6.16
N GLN A 9 -6.87 3.75 5.83
CA GLN A 9 -6.71 4.26 4.47
C GLN A 9 -5.30 4.00 3.94
N ASN A 10 -5.24 3.53 2.71
CA ASN A 10 -3.98 3.25 2.04
C ASN A 10 -3.13 2.27 2.83
N GLU A 11 -3.78 1.41 3.59
CA GLU A 11 -3.06 0.42 4.38
C GLU A 11 -3.38 -0.98 3.91
N TYR A 12 -2.36 -1.86 3.89
CA TYR A 12 -2.57 -3.23 3.41
C TYR A 12 -2.30 -4.26 4.50
N PHE A 13 -3.33 -5.05 4.82
CA PHE A 13 -3.24 -6.09 5.82
C PHE A 13 -2.42 -7.27 5.32
N ASP A 14 -1.11 -7.23 5.56
CA ASP A 14 -0.25 -8.31 5.14
C ASP A 14 -0.61 -9.59 5.85
N SER A 15 -1.27 -10.50 5.14
CA SER A 15 -1.66 -11.77 5.72
C SER A 15 -0.45 -12.46 6.36
N LEU A 16 0.73 -12.09 5.91
CA LEU A 16 1.96 -12.66 6.44
C LEU A 16 2.39 -11.93 7.71
N LEU A 17 2.00 -10.66 7.82
CA LEU A 17 2.35 -9.84 8.97
C LEU A 17 1.19 -9.72 9.96
N HIS A 18 -0.04 -9.94 9.49
CA HIS A 18 -1.21 -9.83 10.35
C HIS A 18 -1.34 -8.40 10.85
N ALA A 19 -1.35 -7.48 9.91
CA ALA A 19 -1.45 -6.07 10.21
C ALA A 19 -1.55 -5.27 8.93
N CYS A 20 -2.23 -4.16 9.03
CA CYS A 20 -2.38 -3.27 7.90
C CYS A 20 -1.13 -2.38 7.79
N ILE A 21 -0.35 -2.65 6.76
CA ILE A 21 0.90 -1.92 6.51
C ILE A 21 0.72 -0.90 5.39
N PRO A 22 1.34 0.28 5.51
CA PRO A 22 1.21 1.32 4.48
C PRO A 22 1.98 0.99 3.21
N CYS A 23 1.48 1.50 2.09
CA CYS A 23 2.09 1.26 0.78
C CYS A 23 2.99 2.41 0.33
N GLN A 24 2.72 3.61 0.85
CA GLN A 24 3.51 4.78 0.47
C GLN A 24 5.01 4.52 0.64
N LEU A 25 5.39 4.14 1.84
CA LEU A 25 6.78 3.84 2.15
C LEU A 25 7.26 2.59 1.39
N ARG A 26 6.33 1.91 0.73
CA ARG A 26 6.67 0.71 -0.03
C ARG A 26 6.46 0.90 -1.52
N CYS A 27 5.99 2.07 -1.90
CA CYS A 27 5.75 2.39 -3.31
C CYS A 27 7.06 2.53 -4.08
N SER A 28 7.88 1.47 -4.06
CA SER A 28 9.14 1.47 -4.74
C SER A 28 9.62 0.06 -5.03
N SER A 29 8.83 -0.69 -5.80
CA SER A 29 9.17 -2.06 -6.16
C SER A 29 9.27 -2.95 -4.93
N ASN A 30 8.94 -4.22 -5.13
CA ASN A 30 8.98 -5.21 -4.06
C ASN A 30 7.89 -4.96 -3.03
N THR A 31 6.68 -4.70 -3.50
CA THR A 31 5.54 -4.45 -2.64
C THR A 31 4.23 -4.50 -3.42
N PRO A 32 3.82 -5.71 -3.88
CA PRO A 32 2.58 -5.88 -4.65
C PRO A 32 1.42 -5.09 -4.05
N PRO A 33 1.12 -3.91 -4.62
CA PRO A 33 0.05 -3.04 -4.15
C PRO A 33 -1.23 -3.24 -4.94
N LEU A 34 -1.97 -4.28 -4.59
CA LEU A 34 -3.23 -4.56 -5.30
C LEU A 34 -4.27 -3.49 -4.95
N THR A 35 -4.46 -3.21 -3.67
CA THR A 35 -5.40 -2.19 -3.26
C THR A 35 -4.68 -0.84 -3.19
N CYS A 36 -3.41 -0.82 -3.57
CA CYS A 36 -2.64 0.42 -3.53
C CYS A 36 -2.04 0.77 -4.89
N GLN A 37 -2.16 -0.14 -5.87
CA GLN A 37 -1.61 0.13 -7.20
C GLN A 37 -2.09 1.47 -7.71
N ARG A 38 -3.26 1.88 -7.25
CA ARG A 38 -3.82 3.16 -7.65
C ARG A 38 -3.14 4.29 -6.88
N TYR A 39 -2.82 4.03 -5.62
CA TYR A 39 -2.16 5.03 -4.79
C TYR A 39 -0.67 5.12 -5.11
N CYS A 40 -0.01 3.98 -5.23
CA CYS A 40 1.42 3.97 -5.54
C CYS A 40 1.65 4.62 -6.91
N ASN A 41 0.75 4.38 -7.84
CA ASN A 41 0.87 4.97 -9.17
C ASN A 41 0.42 6.42 -9.15
N ALA A 42 -0.19 6.84 -8.05
CA ALA A 42 -0.64 8.21 -7.90
C ALA A 42 0.05 8.88 -6.72
N SER A 43 1.23 8.38 -6.40
CA SER A 43 2.02 8.93 -5.30
C SER A 43 3.50 8.98 -5.66
N VAL A 44 3.95 8.03 -6.48
CA VAL A 44 5.34 7.98 -6.92
C VAL A 44 5.42 7.51 -8.36
N THR A 45 4.77 8.25 -9.24
CA THR A 45 4.77 7.94 -10.64
C THR A 45 3.98 8.99 -11.43
N ASN A 46 2.94 9.51 -10.81
CA ASN A 46 2.10 10.52 -11.46
C ASN A 46 2.93 11.73 -11.88
N SER A 47 3.49 11.67 -13.09
CA SER A 47 4.30 12.76 -13.62
C SER A 47 5.57 12.97 -12.80
N VAL A 48 6.59 12.13 -13.04
CA VAL A 48 7.88 12.21 -12.35
C VAL A 48 8.71 10.97 -12.66
N LYS A 49 9.63 11.12 -13.59
CA LYS A 49 10.50 10.06 -14.02
C LYS A 49 11.05 9.24 -12.83
N CY1 A 50 11.76 9.93 -11.93
CA CY1 A 50 12.39 9.32 -10.74
CB CY1 A 50 13.93 9.44 -10.82
SG CY1 A 50 14.62 8.79 -12.39
CD CY1 A 50 16.40 8.65 -12.03
NE CY1 A 50 16.61 8.12 -10.68
CZ CY1 A 50 16.52 6.81 -10.37
OAC CY1 A 50 16.45 5.97 -11.24
CM CY1 A 50 16.45 6.49 -8.91
C CY1 A 50 11.88 9.86 -9.41
O CY1 A 50 12.59 10.09 -8.45
H CY1 A 50 11.99 10.88 -12.14
HA CY1 A 50 12.15 8.25 -10.71
HB2 CY1 A 50 14.35 8.89 -9.98
HB3 CY1 A 50 14.22 10.49 -10.71
HD2 CY1 A 50 16.88 9.64 -12.09
HD3 CY1 A 50 16.88 7.97 -12.76
HE CY1 A 50 16.65 8.77 -9.92
HM1 CY1 A 50 15.43 6.20 -8.66
HM2 CY1 A 50 16.72 7.36 -8.30
HM3 CY1 A 50 17.12 5.67 -8.69
N NH2 A 51 10.64 10.35 -9.38
HN1 NH2 A 51 10.01 10.12 -10.14
HN2 NH2 A 51 10.32 10.72 -8.51
N LEU A 1 -6.76 -8.66 15.30
CA LEU A 1 -7.15 -8.76 13.87
C LEU A 1 -7.76 -7.44 13.38
N GLN A 2 -7.33 -7.00 12.20
CA GLN A 2 -7.83 -5.75 11.62
C GLN A 2 -7.48 -4.56 12.51
N MET A 3 -7.01 -3.48 11.87
CA MET A 3 -6.64 -2.24 12.58
C MET A 3 -5.19 -2.28 13.06
N ALA A 4 -4.70 -3.47 13.42
CA ALA A 4 -3.32 -3.65 13.89
C ALA A 4 -2.78 -2.38 14.57
N GLY A 5 -3.04 -2.24 15.86
CA GLY A 5 -2.57 -1.06 16.59
C GLY A 5 -3.30 0.21 16.20
N GLN A 6 -3.25 0.58 14.91
CA GLN A 6 -3.91 1.79 14.42
C GLN A 6 -3.34 2.20 13.07
N CYS A 7 -3.72 1.46 12.04
CA CYS A 7 -3.26 1.72 10.68
C CYS A 7 -3.92 2.95 10.08
N SER A 8 -3.11 3.86 9.57
CA SER A 8 -3.63 5.05 8.93
C SER A 8 -4.40 4.64 7.68
N GLN A 9 -5.42 5.42 7.31
CA GLN A 9 -6.25 5.12 6.16
C GLN A 9 -5.44 4.61 4.97
N ASN A 10 -6.01 3.62 4.30
CA ASN A 10 -5.41 3.01 3.12
C ASN A 10 -4.20 2.16 3.46
N GLU A 11 -4.17 1.60 4.65
CA GLU A 11 -3.07 0.74 5.04
C GLU A 11 -3.31 -0.67 4.51
N TYR A 12 -2.22 -1.41 4.27
CA TYR A 12 -2.38 -2.78 3.75
C TYR A 12 -2.12 -3.81 4.83
N PHE A 13 -3.17 -4.58 5.11
CA PHE A 13 -3.12 -5.62 6.12
C PHE A 13 -2.58 -6.93 5.54
N ASP A 14 -1.25 -7.08 5.60
CA ASP A 14 -0.61 -8.29 5.09
C ASP A 14 -1.01 -9.50 5.92
N SER A 15 -1.88 -10.33 5.36
CA SER A 15 -2.32 -11.53 6.05
C SER A 15 -1.13 -12.34 6.57
N LEU A 16 0.02 -12.12 5.94
CA LEU A 16 1.24 -12.82 6.34
C LEU A 16 1.88 -12.12 7.55
N LEU A 17 1.70 -10.80 7.61
CA LEU A 17 2.25 -9.99 8.69
C LEU A 17 1.21 -9.70 9.77
N HIS A 18 -0.07 -9.82 9.42
CA HIS A 18 -1.14 -9.54 10.37
C HIS A 18 -1.03 -8.11 10.87
N ALA A 19 -0.68 -7.21 9.96
CA ALA A 19 -0.52 -5.81 10.28
C ALA A 19 -0.81 -4.93 9.08
N CYS A 20 -1.80 -4.08 9.23
CA CYS A 20 -2.12 -3.14 8.17
C CYS A 20 -1.03 -2.09 8.09
N ILE A 21 -0.23 -2.16 7.03
CA ILE A 21 0.90 -1.27 6.82
C ILE A 21 0.73 -0.37 5.60
N PRO A 22 1.23 0.88 5.65
CA PRO A 22 1.12 1.81 4.53
C PRO A 22 1.89 1.34 3.30
N CYS A 23 1.23 1.38 2.15
CA CYS A 23 1.83 0.95 0.89
C CYS A 23 2.78 2.03 0.35
N GLN A 24 2.56 3.27 0.76
CA GLN A 24 3.39 4.40 0.31
C GLN A 24 4.87 4.05 0.39
N LEU A 25 5.29 3.57 1.56
CA LEU A 25 6.67 3.20 1.78
C LEU A 25 7.08 1.97 0.97
N ARG A 26 6.12 1.39 0.24
CA ARG A 26 6.40 0.20 -0.58
C ARG A 26 6.06 0.44 -2.04
N CYS A 27 5.56 1.64 -2.34
CA CYS A 27 5.19 2.00 -3.70
C CYS A 27 6.43 2.32 -4.54
N SER A 28 7.42 2.95 -3.91
CA SER A 28 8.63 3.33 -4.59
C SER A 28 9.64 2.19 -4.70
N SER A 29 9.21 0.96 -4.41
CA SER A 29 10.10 -0.18 -4.49
C SER A 29 9.33 -1.50 -4.44
N ASN A 30 9.79 -2.46 -5.24
CA ASN A 30 9.17 -3.79 -5.31
C ASN A 30 7.83 -3.75 -6.04
N THR A 31 7.35 -2.54 -6.34
CA THR A 31 6.07 -2.33 -7.03
C THR A 31 5.06 -3.47 -6.80
N PRO A 32 4.74 -3.79 -5.53
CA PRO A 32 3.81 -4.86 -5.19
C PRO A 32 2.48 -4.36 -4.62
N PRO A 33 1.96 -3.19 -5.06
CA PRO A 33 0.70 -2.64 -4.55
C PRO A 33 -0.54 -3.15 -5.26
N LEU A 34 -1.01 -4.32 -4.86
CA LEU A 34 -2.22 -4.86 -5.47
C LEU A 34 -3.46 -4.11 -4.97
N THR A 35 -3.60 -3.95 -3.65
CA THR A 35 -4.72 -3.21 -3.12
C THR A 35 -4.36 -1.72 -3.01
N CYS A 36 -3.17 -1.36 -3.50
CA CYS A 36 -2.71 0.02 -3.44
C CYS A 36 -2.21 0.53 -4.80
N GLN A 37 -2.28 -0.32 -5.82
CA GLN A 37 -1.80 0.08 -7.15
C GLN A 37 -2.27 1.49 -7.51
N ARG A 38 -3.55 1.71 -7.36
CA ARG A 38 -4.14 3.01 -7.64
C ARG A 38 -3.51 4.09 -6.75
N TYR A 39 -3.46 3.80 -5.45
CA TYR A 39 -2.89 4.74 -4.49
C TYR A 39 -1.42 5.02 -4.78
N CYS A 40 -0.66 3.97 -5.06
CA CYS A 40 0.77 4.14 -5.35
C CYS A 40 0.92 5.01 -6.59
N ASN A 41 -0.04 4.93 -7.49
CA ASN A 41 -0.02 5.74 -8.70
C ASN A 41 -0.29 7.20 -8.34
N ALA A 42 -0.88 7.39 -7.18
CA ALA A 42 -1.18 8.73 -6.69
C ALA A 42 -0.13 9.18 -5.70
N SER A 43 1.03 8.54 -5.76
CA SER A 43 2.15 8.85 -4.90
C SER A 43 3.31 9.46 -5.70
N VAL A 44 3.32 9.20 -7.01
CA VAL A 44 4.35 9.72 -7.90
C VAL A 44 5.65 8.93 -7.78
N THR A 45 5.59 7.67 -8.20
CA THR A 45 6.74 6.77 -8.16
C THR A 45 7.58 6.97 -6.88
N ASN A 46 8.87 7.29 -7.03
CA ASN A 46 9.74 7.49 -5.88
C ASN A 46 9.14 8.48 -4.89
N SER A 47 9.90 8.77 -3.82
CA SER A 47 9.50 9.70 -2.78
C SER A 47 10.10 9.27 -1.45
N VAL A 48 10.93 10.15 -0.87
CA VAL A 48 11.58 9.90 0.41
C VAL A 48 12.48 11.05 0.77
N LYS A 49 11.96 11.93 1.59
CA LYS A 49 12.67 13.11 2.07
C LYS A 49 11.73 14.04 2.83
N CY1 A 50 12.08 14.32 4.08
CA CY1 A 50 11.26 15.19 4.92
CB CY1 A 50 11.38 14.79 6.38
SG CY1 A 50 9.88 15.14 7.32
CD CY1 A 50 10.04 14.03 8.74
NE CY1 A 50 11.44 13.86 9.09
CZ CY1 A 50 12.04 12.68 9.20
OAC CY1 A 50 11.48 11.60 9.03
CM CY1 A 50 13.52 12.72 9.57
C CY1 A 50 11.68 16.65 4.75
O CY1 A 50 10.86 17.56 4.89
H CY1 A 50 12.89 13.93 4.45
HA CY1 A 50 10.23 15.09 4.60
HB2 CY1 A 50 11.57 13.72 6.44
HB3 CY1 A 50 12.20 15.32 6.84
HD2 CY1 A 50 9.51 14.51 9.56
HD3 CY1 A 50 9.81 13.48 7.84
HE CY1 A 50 12.04 14.64 9.02
HM1 CY1 A 50 13.83 13.76 9.64
HM2 CY1 A 50 14.08 12.19 8.81
HM3 CY1 A 50 13.67 12.25 10.51
N NH2 A 51 12.95 16.90 4.47
HN1 NH2 A 51 13.56 16.13 4.36
HN2 NH2 A 51 13.24 17.82 4.36
#